data_6WUA
#
_entry.id   6WUA
#
loop_
_entity.id
_entity.type
_entity.pdbx_description
1 polymer '16S rRNA'
2 polymer '30S ribosomal protein S3'
3 polymer '30S ribosomal protein S7'
4 polymer '30S ribosomal protein S9'
5 polymer '30S ribosomal protein S10'
6 polymer '30S ribosomal protein S13'
7 polymer '30S ribosomal protein S14 type Z'
8 polymer '30S ribosomal protein S19'
9 non-polymer 'ZINC ION'
#
loop_
_entity_poly.entity_id
_entity_poly.type
_entity_poly.pdbx_seq_one_letter_code
_entity_poly.pdbx_strand_id
1 'polyribonucleotide'
;UGAGAGUUUGAUCCUGGCUCAGGACGAACGCUGGCGGCGUGCCUAAUACAUGCAAGUCGAACGCUUCUUUCCUCCCGAGU
GCUUGCACUCAAUUGGAAAGAGGAGUGGCGGACGGGUGAGUAACACGUGGGUAACCUACCCAUCAGAGGGGGAUAACACU
UGGAAACAGGUGCUAAUACCGCAUAACAGUUUAUGCCGCAUGGCAUAAGAGUGAAAGGCGCUUUCGGGUGUCGCUGAUGG
AUGGACCCGCGGUGCAUUAGCUAGUUGGUGAGGUAACGGCUCACCAAGGCCACGAUGCAUAGCCGACCUGAGAGGGUGAU
CGGCCACACUGGGACUGAGACACGGCCCAGACUCCUACGGGAGGCAGCAGUAGGGAAUCUUCGGCAAUGGACGAAAGUCU
GACCGAGCAACGCCGCGUGAGUGAAGAAGGUUUUCGGAUCGUAAAACUCUGUUGUUAGAGAAGAACAAGGACGUUAGUAA
CUGAACGUCCCCUGACGGUAUCUAACCAGAAAGCCACGGCUAACUACGUGCCAGCAGCCGCGGUAAUACGUAGGUGGCAA
GCGUUGUCCGGAUUUAUUGGGCGUAAAGCGAGCGCAGGCGGUUUCUUAAGUCUGAUGUGAAAGCCCCCGGCUCAACCGGG
GAGGGUCAUUGGAAACUGGGAGACUUGAGUGCAGAAGAGGAGAGUGGAAUUCCAUGUGUAGCGGUGAAAUGCGUAGAUAU
AUGGAGGAACACCAGUGGCGAAGGCGGCUCUCUGGUCUGUAACUGACGCUGAGGCUCGAAAGCGUGGGGAGCAAACAGGA
UUAGAUACCCUGGUAGUCCACGCCGUAAACGAUGAGUGCUAAGUGUUGGAGGGUUUCCGCCCUUCAGUGCUGCAGCAAAC
GCAUUAAGCACUCCGCCUGGGGAGUACGACCGCAAGGUUGAAACUCAAAGGAAUUGACGGGGGCCCGCACAAGCGGUGGA
GCAUGUGGUUUAAUUCGAAGCAACGCGAAGAACCUUACCAGGUCUUGACAUCCUUUGACCACUCUAGAGAUAGAGCUUUC
CCUUCGGGGACAAAGUGACAGGUGGUGCAUGGUUGUCGUCAGCUCGUGUCGUGAGAUGUUGGGUUAAGUCCCGCAACGAG
CGCAACCCUUAUUGUUAGUUGCCAUCAUUUAGUUGGGCACUCUAGCGAGACUGCCGGUGACAAACCGGAGGAAGGUGGGG
AUGACGUCAAAUCAUCAUGCCCCUUAUGACCUGGGCUACACACGUGCUACAAUGGGAAGUACAACGAGUCGCUAGACCGC
GAGGUCAUGCAAAUCUCUUAAAGCUUCUCUCAGUUCGGAUUGCAGGCUGCAACUCGCCUGCAUGAAGCCGGAAUCGCUAG
UAAUCGCGGAUCAGCACGCCGCGGUGAAUACGUUCCCGGGCCUUGUACACACCGCCCGUCACACCACGAGAGUUUGUAAC
ACCCGAAGUCGGUGAGGUAACCUUUUUGGAGCCAGCCGCCUAAGGUGGGAUAGAUGAUUGGGGUGAAGUCGUAACAAGGU
AGCCGUAUCGGAAGGUGCGGCUGGAUCA
;
a
2 'polypeptide(L)'
;GQKVHPIGMRVGIIRDWDAKWYAEKEYAEFLHEDLRIRKFIATKLADAAVSTIEIERAANRVNISIHTAKPGMVIGKGGS
EVENLRKELNKLTGKRVHINIVEIKKPDLDAKLVGEGIARQLENRVAFRRAQKQAIQRAMRAGAKGIKTQVSGRLNGADI
ARSEGYSEGTVPLHTLRADIDYAWEEADTTYGKLGVKVWIYRGE
;
c
3 'polypeptide(L)'
;PRKGPVAKRDVLPDPIYNSKLVTRLINRVMVDGKRGIAANIIYNSFDIIKESTGNDPLEVFEQAMKNVMPVLEVKARRVG
GSNYQVPVEVRPERRTTLGLRWVVNYARLRGEHTMEERLAKEIMDAANNTGASVKKREDTHKMADANRAFAHYR
;
g
4 'polypeptide(L)'
;QVQYSGTGRRKNAVARVRLVPGTGKITVNKKDVEEYIPHADLREVINQPFGVTETKGAYDVIVNVNGGGYAGQSGAIRHG
IARALLQVDPDFRSALKRAGLLTRDARMVERKKPGLKKARKASQFSKR
;
i
5 'polypeptide(L)'
;QKIRIRLKAYEHRILDQSADKIVETAKRTGADVSGPIPLPTERSLYTVIRATHKYKDSREQFEMRTHKRLIDIVNPTPKT
VDALMKLDLPSGVNIEIKL
;
j
6 'polypeptide(L)'
;ARIAGVDIPRDKRVVVSLTYIYGIGNTTAKKVLANVGVSEDVRVRDLTNEQTDAIRAEIDKLKVEGDLRREVNLNIKRLM
EIGSYRGIRHRRGLPTRGQNTKNNARTRKGPT
;
m
7 'polypeptide(L)' AKKSMIAKNKRPAKHSTQAYTRCERCGRPHSVYRKFHLCRICFRELAYKGQIPGVKKASW n
8 'polypeptide(L)' SLKKGPFVDDHLMKKVEAQQGAEKKKVIKTWSRRSTIFPSFVGFTIAVYDGRKHVPVYIQEDMVGHKLGEFAPTRTYR s
#
loop_
_chem_comp.id
_chem_comp.type
_chem_comp.name
_chem_comp.formula
A RNA linking ADENOSINE-5'-MONOPHOSPHATE 'C10 H14 N5 O7 P'
C RNA linking CYTIDINE-5'-MONOPHOSPHATE 'C9 H14 N3 O8 P'
G RNA linking GUANOSINE-5'-MONOPHOSPHATE 'C10 H14 N5 O8 P'
U RNA linking URIDINE-5'-MONOPHOSPHATE 'C9 H13 N2 O9 P'
ZN non-polymer 'ZINC ION' 'Zn 2'
#
# COMPACT_ATOMS: atom_id res chain seq x y z
N GLY B 1 4.19 -27.14 2.85
CA GLY B 1 3.18 -26.57 3.71
C GLY B 1 2.07 -26.02 2.87
N GLN B 2 0.94 -26.73 2.84
CA GLN B 2 -0.05 -26.44 1.84
C GLN B 2 -1.49 -26.65 2.34
N LYS B 3 -1.72 -26.49 3.64
CA LYS B 3 -3.07 -26.55 4.19
C LYS B 3 -3.23 -25.45 5.23
N VAL B 4 -4.41 -24.84 5.27
CA VAL B 4 -4.69 -23.82 6.27
C VAL B 4 -5.19 -24.48 7.54
N HIS B 5 -5.02 -23.78 8.65
CA HIS B 5 -5.51 -24.23 9.93
C HIS B 5 -7.04 -24.32 9.88
N PRO B 6 -7.62 -25.50 10.03
CA PRO B 6 -9.05 -25.64 9.74
C PRO B 6 -9.97 -24.93 10.70
N ILE B 7 -9.51 -24.56 11.88
CA ILE B 7 -10.32 -23.77 12.80
C ILE B 7 -9.85 -22.32 12.86
N GLY B 8 -9.05 -21.90 11.88
CA GLY B 8 -8.75 -20.51 11.66
C GLY B 8 -9.32 -20.06 10.33
N MET B 9 -9.54 -21.04 9.45
CA MET B 9 -10.32 -20.77 8.24
C MET B 9 -11.77 -20.48 8.58
N ARG B 10 -12.28 -21.04 9.67
CA ARG B 10 -13.69 -20.97 10.01
C ARG B 10 -14.02 -20.00 11.14
N VAL B 11 -13.02 -19.45 11.82
CA VAL B 11 -13.30 -18.49 12.88
C VAL B 11 -13.93 -17.24 12.29
N GLY B 12 -14.98 -16.74 12.93
CA GLY B 12 -15.68 -15.60 12.41
C GLY B 12 -16.65 -15.91 11.29
N ILE B 13 -16.94 -17.18 11.06
CA ILE B 13 -17.92 -17.57 10.06
C ILE B 13 -19.02 -18.39 10.72
N ILE B 14 -18.64 -19.51 11.33
CA ILE B 14 -19.60 -20.41 11.97
C ILE B 14 -19.21 -20.67 13.41
N ARG B 15 -17.99 -20.30 13.79
CA ARG B 15 -17.56 -20.40 15.17
C ARG B 15 -17.13 -19.04 15.68
N ASP B 16 -16.92 -18.96 16.98
CA ASP B 16 -16.68 -17.71 17.68
C ASP B 16 -15.24 -17.67 18.21
N TRP B 17 -14.87 -16.54 18.79
CA TRP B 17 -13.58 -16.42 19.44
C TRP B 17 -13.63 -17.06 20.81
N ASP B 18 -12.57 -17.79 21.16
CA ASP B 18 -12.46 -18.30 22.52
C ASP B 18 -12.14 -17.21 23.52
N ALA B 19 -12.02 -15.95 23.10
CA ALA B 19 -11.83 -14.82 24.00
C ALA B 19 -12.77 -13.71 23.56
N LYS B 20 -13.77 -13.42 24.39
CA LYS B 20 -14.81 -12.46 24.06
C LYS B 20 -14.78 -11.31 25.05
N TRP B 21 -13.95 -10.32 24.79
CA TRP B 21 -14.01 -9.06 25.48
C TRP B 21 -13.62 -7.96 24.51
N TYR B 22 -14.13 -6.76 24.74
CA TYR B 22 -13.79 -5.59 23.93
C TYR B 22 -13.08 -4.58 24.80
N ALA B 23 -11.87 -4.21 24.39
CA ALA B 23 -11.14 -3.17 25.10
C ALA B 23 -10.24 -2.43 24.14
N GLU B 24 -10.02 -1.16 24.43
CA GLU B 24 -9.09 -0.32 23.69
C GLU B 24 -8.31 0.52 24.68
N LYS B 25 -7.02 0.70 24.42
CA LYS B 25 -6.07 1.40 25.28
C LYS B 25 -5.76 0.55 26.51
N GLU B 26 -6.48 -0.53 26.70
CA GLU B 26 -6.06 -1.63 27.59
C GLU B 26 -6.27 -2.90 26.79
N TYR B 27 -5.38 -3.17 25.88
CA TYR B 27 -5.51 -4.34 25.01
C TYR B 27 -4.29 -5.26 25.10
N ALA B 28 -3.09 -4.70 25.13
CA ALA B 28 -1.90 -5.52 25.28
C ALA B 28 -1.89 -6.21 26.63
N GLU B 29 -2.18 -5.47 27.68
CA GLU B 29 -2.20 -6.03 29.02
C GLU B 29 -3.23 -7.15 29.13
N PHE B 30 -4.41 -6.95 28.54
CA PHE B 30 -5.43 -7.98 28.62
C PHE B 30 -5.02 -9.24 27.86
N LEU B 31 -4.40 -9.07 26.69
CA LEU B 31 -4.03 -10.22 25.88
C LEU B 31 -2.95 -11.04 26.57
N HIS B 32 -1.96 -10.37 27.17
CA HIS B 32 -0.93 -11.12 27.86
C HIS B 32 -1.43 -11.68 29.19
N GLU B 33 -2.41 -11.05 29.82
CA GLU B 33 -3.01 -11.65 31.02
C GLU B 33 -3.76 -12.92 30.66
N ASP B 34 -4.50 -12.91 29.56
CA ASP B 34 -5.14 -14.13 29.12
C ASP B 34 -4.12 -15.21 28.80
N LEU B 35 -3.03 -14.84 28.14
CA LEU B 35 -1.99 -15.83 27.83
C LEU B 35 -1.42 -16.43 29.12
N ARG B 36 -1.13 -15.59 30.11
CA ARG B 36 -0.62 -16.07 31.38
C ARG B 36 -1.60 -17.04 32.04
N ILE B 37 -2.86 -16.62 32.15
CA ILE B 37 -3.91 -17.47 32.70
C ILE B 37 -3.89 -18.83 32.03
N ARG B 38 -4.08 -18.85 30.71
CA ARG B 38 -4.23 -20.10 29.99
C ARG B 38 -2.96 -20.95 30.05
N LYS B 39 -1.78 -20.33 30.14
CA LYS B 39 -0.54 -21.09 30.25
C LYS B 39 -0.28 -21.57 31.66
N PHE B 40 -1.00 -21.04 32.65
CA PHE B 40 -0.91 -21.51 34.02
C PHE B 40 -1.78 -22.74 34.23
N ILE B 41 -3.05 -22.66 33.87
CA ILE B 41 -4.05 -23.66 34.26
C ILE B 41 -3.83 -24.96 33.49
N ALA B 42 -2.77 -25.02 32.71
CA ALA B 42 -2.30 -26.31 32.26
C ALA B 42 -1.64 -27.13 33.38
N THR B 43 -1.79 -26.68 34.63
CA THR B 43 -1.31 -27.43 35.79
C THR B 43 -2.28 -28.55 36.16
N LYS B 44 -3.53 -28.21 36.48
CA LYS B 44 -4.51 -29.23 36.75
C LYS B 44 -4.85 -30.00 35.49
N LEU B 45 -4.88 -29.32 34.35
CA LEU B 45 -5.16 -29.97 33.08
C LEU B 45 -4.29 -31.19 32.86
N ALA B 46 -3.09 -31.20 33.44
CA ALA B 46 -2.22 -32.37 33.33
C ALA B 46 -2.90 -33.65 33.81
N ASP B 47 -3.88 -33.54 34.70
CA ASP B 47 -4.63 -34.71 35.16
C ASP B 47 -6.12 -34.66 34.87
N ALA B 48 -6.73 -33.48 34.78
CA ALA B 48 -8.18 -33.35 34.77
C ALA B 48 -8.77 -33.29 33.37
N ALA B 49 -7.94 -33.32 32.33
CA ALA B 49 -8.40 -33.45 30.95
C ALA B 49 -9.34 -32.31 30.54
N VAL B 50 -8.82 -31.11 30.60
CA VAL B 50 -9.59 -29.95 30.16
C VAL B 50 -9.36 -29.76 28.67
N SER B 51 -10.37 -29.24 27.98
CA SER B 51 -10.30 -29.07 26.54
C SER B 51 -10.22 -27.60 26.15
N THR B 52 -11.18 -26.79 26.54
CA THR B 52 -11.21 -25.39 26.19
C THR B 52 -11.20 -24.54 27.46
N ILE B 53 -11.14 -23.22 27.25
CA ILE B 53 -11.30 -22.27 28.35
C ILE B 53 -11.71 -20.95 27.74
N GLU B 54 -12.75 -20.35 28.32
CA GLU B 54 -13.39 -19.16 27.78
C GLU B 54 -13.19 -18.03 28.77
N ILE B 55 -12.49 -16.97 28.35
CA ILE B 55 -12.23 -15.83 29.21
C ILE B 55 -13.15 -14.70 28.80
N GLU B 56 -13.98 -14.25 29.73
CA GLU B 56 -14.70 -12.98 29.63
C GLU B 56 -14.24 -12.08 30.75
N ARG B 57 -14.53 -10.79 30.64
CA ARG B 57 -14.19 -9.93 31.75
C ARG B 57 -15.06 -8.69 31.77
N ALA B 58 -15.27 -8.19 32.98
CA ALA B 58 -16.11 -7.04 33.30
C ALA B 58 -15.23 -5.98 33.94
N ALA B 59 -15.89 -4.96 34.50
CA ALA B 59 -15.23 -3.76 35.02
C ALA B 59 -13.90 -4.04 35.69
N ASN B 60 -13.89 -4.91 36.70
CA ASN B 60 -12.64 -5.37 37.27
C ASN B 60 -12.62 -6.85 37.59
N ARG B 61 -13.70 -7.58 37.35
CA ARG B 61 -13.72 -9.02 37.58
C ARG B 61 -13.49 -9.76 36.27
N VAL B 62 -13.02 -11.00 36.40
CA VAL B 62 -12.67 -11.83 35.25
C VAL B 62 -13.46 -13.12 35.32
N ASN B 63 -14.38 -13.31 34.38
CA ASN B 63 -15.26 -14.47 34.36
C ASN B 63 -14.63 -15.56 33.50
N ILE B 64 -14.37 -16.72 34.10
CA ILE B 64 -13.71 -17.83 33.44
C ILE B 64 -14.65 -19.02 33.40
N SER B 65 -14.55 -19.82 32.34
CA SER B 65 -15.30 -21.05 32.24
C SER B 65 -14.46 -22.09 31.51
N ILE B 66 -14.34 -23.28 32.08
CA ILE B 66 -13.48 -24.34 31.56
C ILE B 66 -14.33 -25.57 31.28
N HIS B 67 -14.04 -26.23 30.15
CA HIS B 67 -14.73 -27.45 29.77
C HIS B 67 -13.86 -28.64 30.11
N THR B 68 -14.36 -29.54 30.96
CA THR B 68 -13.60 -30.70 31.38
C THR B 68 -14.45 -31.95 31.24
N ALA B 69 -13.83 -33.09 31.53
CA ALA B 69 -14.53 -34.36 31.58
C ALA B 69 -14.44 -35.00 32.96
N LYS B 70 -13.91 -34.29 33.95
CA LYS B 70 -13.78 -34.80 35.31
C LYS B 70 -14.27 -33.74 36.27
N PRO B 71 -15.59 -33.68 36.51
CA PRO B 71 -16.11 -32.58 37.34
C PRO B 71 -15.73 -32.68 38.81
N GLY B 72 -15.84 -33.86 39.41
CA GLY B 72 -15.51 -33.99 40.82
C GLY B 72 -14.01 -33.90 41.08
N MET B 73 -13.22 -34.54 40.23
CA MET B 73 -11.77 -34.54 40.41
C MET B 73 -11.15 -33.21 40.04
N VAL B 74 -11.95 -32.16 39.93
CA VAL B 74 -11.45 -30.83 39.58
C VAL B 74 -12.03 -29.79 40.52
N ILE B 75 -13.11 -30.12 41.23
CA ILE B 75 -13.72 -29.19 42.18
C ILE B 75 -13.42 -29.53 43.63
N GLY B 76 -13.06 -30.77 43.94
CA GLY B 76 -12.72 -31.15 45.29
C GLY B 76 -13.76 -32.05 45.92
N LYS B 77 -13.67 -32.16 47.25
CA LYS B 77 -14.61 -32.99 48.00
C LYS B 77 -15.95 -32.29 48.15
N GLY B 78 -15.97 -31.15 48.84
CA GLY B 78 -17.19 -30.39 48.98
C GLY B 78 -17.04 -29.00 48.43
N GLY B 79 -15.97 -28.78 47.67
CA GLY B 79 -15.69 -27.46 47.14
C GLY B 79 -14.39 -26.88 47.66
N SER B 80 -13.38 -27.74 47.83
CA SER B 80 -12.10 -27.34 48.40
C SER B 80 -11.00 -27.15 47.36
N GLU B 81 -11.33 -27.24 46.07
CA GLU B 81 -10.33 -27.06 45.01
C GLU B 81 -10.59 -25.85 44.13
N VAL B 82 -11.85 -25.58 43.77
CA VAL B 82 -12.18 -24.31 43.12
C VAL B 82 -11.78 -23.15 44.01
N GLU B 83 -11.89 -23.33 45.33
CA GLU B 83 -11.37 -22.35 46.26
C GLU B 83 -9.92 -22.02 45.96
N ASN B 84 -9.10 -23.07 45.79
CA ASN B 84 -7.68 -22.86 45.55
C ASN B 84 -7.44 -22.24 44.18
N LEU B 85 -8.20 -22.68 43.17
CA LEU B 85 -8.07 -22.07 41.85
C LEU B 85 -8.30 -20.57 41.90
N ARG B 86 -9.35 -20.14 42.59
CA ARG B 86 -9.63 -18.70 42.70
C ARG B 86 -8.55 -17.99 43.51
N LYS B 87 -8.19 -18.55 44.66
CA LYS B 87 -7.22 -17.87 45.52
C LYS B 87 -5.80 -17.89 44.95
N GLU B 88 -5.55 -18.72 43.93
CA GLU B 88 -4.28 -18.68 43.22
C GLU B 88 -4.32 -17.74 42.03
N LEU B 89 -5.42 -17.75 41.28
CA LEU B 89 -5.53 -16.85 40.14
C LEU B 89 -5.62 -15.40 40.57
N ASN B 90 -6.10 -15.12 41.79
CA ASN B 90 -6.07 -13.75 42.29
C ASN B 90 -4.64 -13.26 42.46
N LYS B 91 -3.70 -14.16 42.77
CA LYS B 91 -2.33 -13.73 42.96
C LYS B 91 -1.69 -13.27 41.66
N LEU B 92 -2.15 -13.80 40.52
CA LEU B 92 -1.67 -13.29 39.24
C LEU B 92 -2.43 -12.04 38.83
N THR B 93 -3.72 -12.20 38.54
CA THR B 93 -4.50 -11.14 37.92
C THR B 93 -4.74 -9.96 38.83
N GLY B 94 -4.61 -10.15 40.15
CA GLY B 94 -4.85 -9.07 41.08
C GLY B 94 -6.26 -8.57 41.06
N LYS B 95 -7.19 -9.36 40.55
CA LYS B 95 -8.58 -8.98 40.40
C LYS B 95 -9.46 -10.00 41.10
N ARG B 96 -10.75 -9.96 40.83
CA ARG B 96 -11.68 -10.99 41.27
C ARG B 96 -11.94 -11.95 40.12
N VAL B 97 -11.86 -13.25 40.41
CA VAL B 97 -12.09 -14.25 39.38
C VAL B 97 -13.25 -15.13 39.79
N HIS B 98 -13.98 -15.65 38.80
CA HIS B 98 -15.14 -16.48 39.07
C HIS B 98 -15.22 -17.61 38.04
N ILE B 99 -14.63 -18.75 38.37
CA ILE B 99 -14.67 -19.92 37.50
C ILE B 99 -16.06 -20.53 37.52
N ASN B 100 -16.62 -20.74 36.33
CA ASN B 100 -17.91 -21.42 36.17
C ASN B 100 -17.64 -22.66 35.33
N ILE B 101 -17.50 -23.80 36.01
CA ILE B 101 -17.01 -25.02 35.38
C ILE B 101 -18.13 -25.70 34.61
N VAL B 102 -17.90 -25.93 33.32
CA VAL B 102 -18.80 -26.72 32.50
C VAL B 102 -18.34 -28.17 32.54
N GLU B 103 -19.19 -29.07 32.06
CA GLU B 103 -18.87 -30.48 31.92
C GLU B 103 -19.14 -30.91 30.48
N ILE B 104 -18.23 -31.71 29.92
CA ILE B 104 -18.31 -32.08 28.51
C ILE B 104 -19.01 -33.43 28.38
N LYS B 105 -19.87 -33.55 27.38
CA LYS B 105 -20.57 -34.79 27.07
C LYS B 105 -19.99 -35.39 25.80
N LYS B 106 -19.95 -36.73 25.75
CA LYS B 106 -19.34 -37.46 24.64
C LYS B 106 -17.91 -37.00 24.44
N PRO B 107 -16.99 -37.36 25.35
CA PRO B 107 -15.62 -36.85 25.28
C PRO B 107 -14.76 -37.53 24.22
N ASP B 108 -15.21 -38.64 23.66
CA ASP B 108 -14.45 -39.30 22.60
C ASP B 108 -14.62 -38.61 21.26
N LEU B 109 -15.40 -37.54 21.21
CA LEU B 109 -15.68 -36.81 19.97
C LEU B 109 -15.09 -35.41 20.04
N ASP B 110 -13.87 -35.33 20.55
CA ASP B 110 -13.17 -34.07 20.80
C ASP B 110 -11.73 -34.23 20.35
N ALA B 111 -11.24 -33.25 19.59
CA ALA B 111 -9.95 -33.41 18.92
C ALA B 111 -8.80 -33.42 19.91
N LYS B 112 -8.80 -32.48 20.85
CA LYS B 112 -7.69 -32.41 21.80
C LYS B 112 -7.68 -33.62 22.72
N LEU B 113 -8.85 -34.03 23.20
CA LEU B 113 -8.92 -35.18 24.09
C LEU B 113 -8.42 -36.44 23.40
N VAL B 114 -8.98 -36.74 22.23
CA VAL B 114 -8.60 -37.94 21.49
C VAL B 114 -7.11 -37.96 21.20
N GLY B 115 -6.62 -36.89 20.59
CA GLY B 115 -5.23 -36.85 20.17
C GLY B 115 -4.27 -36.87 21.34
N GLU B 116 -4.63 -36.21 22.44
CA GLU B 116 -3.76 -36.22 23.60
C GLU B 116 -3.76 -37.58 24.28
N GLY B 117 -4.87 -38.31 24.21
CA GLY B 117 -4.90 -39.65 24.78
C GLY B 117 -4.13 -40.65 23.93
N ILE B 118 -4.23 -40.54 22.61
CA ILE B 118 -3.57 -41.49 21.73
C ILE B 118 -2.16 -41.02 21.43
N ALA B 119 -1.73 -39.96 22.11
CA ALA B 119 -0.33 -39.56 22.16
C ALA B 119 0.29 -39.84 23.51
N ARG B 120 -0.47 -40.43 24.42
CA ARG B 120 0.09 -40.96 25.66
C ARG B 120 0.41 -42.44 25.56
N GLN B 121 -0.22 -43.15 24.63
CA GLN B 121 0.17 -44.53 24.38
C GLN B 121 1.56 -44.62 23.77
N LEU B 122 1.89 -43.70 22.86
CA LEU B 122 3.18 -43.75 22.20
C LEU B 122 4.32 -43.66 23.20
N GLU B 123 4.11 -42.98 24.32
CA GLU B 123 5.15 -42.88 25.33
C GLU B 123 5.32 -44.17 26.11
N ASN B 124 4.27 -44.99 26.20
CA ASN B 124 4.34 -46.26 26.90
C ASN B 124 4.62 -47.43 25.97
N ARG B 125 5.43 -47.20 24.94
CA ARG B 125 5.99 -48.26 24.10
C ARG B 125 4.90 -49.07 23.41
N VAL B 126 3.87 -48.40 22.92
CA VAL B 126 2.76 -49.04 22.23
C VAL B 126 2.95 -48.84 20.73
N ALA B 127 2.58 -49.86 19.95
CA ALA B 127 2.61 -49.75 18.51
C ALA B 127 1.54 -48.78 18.03
N PHE B 128 1.90 -47.97 17.03
CA PHE B 128 1.02 -46.89 16.60
C PHE B 128 -0.11 -47.36 15.70
N ARG B 129 0.07 -48.48 14.99
CA ARG B 129 -0.94 -48.87 14.01
C ARG B 129 -2.27 -49.17 14.67
N ARG B 130 -2.25 -49.71 15.88
CA ARG B 130 -3.50 -50.02 16.55
C ARG B 130 -3.99 -48.92 17.47
N ALA B 131 -3.11 -48.00 17.90
CA ALA B 131 -3.58 -46.86 18.66
C ALA B 131 -4.52 -46.00 17.83
N GLN B 132 -4.10 -45.64 16.62
CA GLN B 132 -4.95 -44.84 15.76
C GLN B 132 -6.21 -45.61 15.35
N LYS B 133 -6.08 -46.91 15.08
CA LYS B 133 -7.24 -47.69 14.65
C LYS B 133 -8.27 -47.77 15.76
N GLN B 134 -7.83 -48.04 16.99
CA GLN B 134 -8.78 -48.09 18.09
C GLN B 134 -9.33 -46.70 18.40
N ALA B 135 -8.56 -45.64 18.15
CA ALA B 135 -9.06 -44.29 18.33
C ALA B 135 -10.22 -44.00 17.38
N ILE B 136 -10.04 -44.30 16.10
CA ILE B 136 -11.12 -44.01 15.17
C ILE B 136 -12.29 -44.97 15.38
N GLN B 137 -12.01 -46.18 15.88
CA GLN B 137 -13.10 -47.11 16.19
C GLN B 137 -13.95 -46.61 17.33
N ARG B 138 -13.34 -46.10 18.39
CA ARG B 138 -14.11 -45.57 19.52
C ARG B 138 -14.57 -44.14 19.29
N ALA B 139 -14.17 -43.51 18.19
CA ALA B 139 -14.76 -42.23 17.80
C ALA B 139 -15.95 -42.40 16.87
N MET B 140 -15.99 -43.46 16.09
CA MET B 140 -17.14 -43.71 15.23
C MET B 140 -18.32 -44.26 16.02
N ARG B 141 -18.06 -45.07 17.04
CA ARG B 141 -19.14 -45.66 17.83
C ARG B 141 -19.93 -44.59 18.58
N ALA B 142 -19.30 -43.48 18.93
CA ALA B 142 -20.04 -42.36 19.49
C ALA B 142 -20.93 -41.70 18.45
N GLY B 143 -20.68 -41.94 17.17
CA GLY B 143 -21.51 -41.43 16.10
C GLY B 143 -20.96 -40.17 15.48
N ALA B 144 -20.20 -40.31 14.39
CA ALA B 144 -19.49 -39.20 13.78
C ALA B 144 -19.37 -39.47 12.30
N LYS B 145 -19.50 -38.40 11.50
CA LYS B 145 -19.52 -38.55 10.06
C LYS B 145 -18.16 -38.92 9.48
N GLY B 146 -17.08 -38.59 10.17
CA GLY B 146 -15.76 -38.93 9.68
C GLY B 146 -14.69 -38.51 10.67
N ILE B 147 -13.55 -39.17 10.56
CA ILE B 147 -12.41 -38.88 11.42
C ILE B 147 -11.14 -39.26 10.66
N LYS B 148 -10.06 -38.53 10.95
CA LYS B 148 -8.77 -38.74 10.30
C LYS B 148 -7.67 -38.46 11.29
N THR B 149 -6.68 -39.35 11.36
CA THR B 149 -5.56 -39.22 12.29
C THR B 149 -4.26 -39.32 11.51
N GLN B 150 -3.17 -38.87 12.15
CA GLN B 150 -1.85 -38.87 11.50
C GLN B 150 -0.78 -38.70 12.56
N VAL B 151 0.22 -39.58 12.55
CA VAL B 151 1.37 -39.48 13.43
C VAL B 151 2.62 -39.31 12.57
N SER B 152 3.63 -38.66 13.13
CA SER B 152 4.82 -38.28 12.37
C SER B 152 6.03 -38.33 13.29
N GLY B 153 7.21 -38.42 12.68
CA GLY B 153 8.46 -38.48 13.42
C GLY B 153 9.22 -39.77 13.21
N ARG B 154 10.17 -40.05 14.11
CA ARG B 154 10.87 -41.34 14.09
C ARG B 154 9.95 -42.39 14.66
N LEU B 155 9.34 -43.19 13.80
CA LEU B 155 8.39 -44.20 14.23
C LEU B 155 9.13 -45.41 14.80
N ASN B 156 8.47 -46.12 15.71
CA ASN B 156 9.03 -47.29 16.39
C ASN B 156 10.28 -46.98 17.19
N GLY B 157 10.63 -45.71 17.33
CA GLY B 157 11.92 -45.36 17.90
C GLY B 157 13.01 -45.89 17.00
N ALA B 158 13.07 -45.37 15.78
CA ALA B 158 13.92 -45.94 14.75
C ALA B 158 14.59 -44.80 13.99
N ASP B 159 15.17 -45.12 12.85
CA ASP B 159 15.84 -44.16 12.01
C ASP B 159 14.85 -43.38 11.18
N ILE B 160 15.32 -42.81 10.08
CA ILE B 160 14.75 -41.66 9.39
C ILE B 160 13.23 -41.62 9.37
N ALA B 161 12.69 -40.42 9.62
CA ALA B 161 11.29 -40.22 9.91
C ALA B 161 10.42 -40.48 8.69
N ARG B 162 9.15 -40.76 8.97
CA ARG B 162 8.13 -40.96 7.96
C ARG B 162 6.79 -40.61 8.59
N SER B 163 5.71 -40.82 7.84
CA SER B 163 4.40 -40.42 8.30
C SER B 163 3.34 -41.34 7.72
N GLU B 164 2.26 -41.53 8.46
CA GLU B 164 1.15 -42.34 8.00
C GLU B 164 -0.05 -42.17 8.94
N GLY B 165 -1.24 -42.14 8.36
CA GLY B 165 -2.46 -42.06 9.12
C GLY B 165 -3.55 -42.92 8.49
N TYR B 166 -4.71 -42.90 9.12
CA TYR B 166 -5.82 -43.73 8.69
C TYR B 166 -7.11 -42.92 8.72
N SER B 167 -8.00 -43.21 7.78
CA SER B 167 -9.23 -42.45 7.61
C SER B 167 -10.44 -43.37 7.73
N GLU B 168 -11.54 -42.79 8.21
CA GLU B 168 -12.80 -43.51 8.34
C GLU B 168 -13.91 -42.54 8.04
N GLY B 169 -14.76 -42.86 7.06
CA GLY B 169 -15.81 -41.95 6.66
C GLY B 169 -15.25 -40.72 5.96
N THR B 170 -16.17 -39.82 5.63
CA THR B 170 -15.82 -38.61 4.90
C THR B 170 -15.46 -37.49 5.85
N VAL B 171 -14.45 -36.72 5.47
CA VAL B 171 -14.09 -35.50 6.20
C VAL B 171 -13.87 -34.41 5.16
N PRO B 172 -14.93 -33.71 4.75
CA PRO B 172 -14.76 -32.66 3.74
C PRO B 172 -14.12 -31.43 4.34
N LEU B 173 -13.04 -30.97 3.73
CA LEU B 173 -12.25 -29.89 4.29
C LEU B 173 -12.51 -28.55 3.63
N HIS B 174 -12.86 -28.54 2.36
CA HIS B 174 -13.09 -27.31 1.62
C HIS B 174 -14.44 -26.70 1.90
N THR B 175 -15.37 -27.43 2.49
CA THR B 175 -16.70 -26.91 2.78
C THR B 175 -16.65 -26.01 4.00
N LEU B 176 -17.08 -24.75 3.84
CA LEU B 176 -16.96 -23.78 4.91
C LEU B 176 -17.99 -23.99 6.01
N ARG B 177 -19.15 -24.56 5.67
CA ARG B 177 -20.17 -24.89 6.65
C ARG B 177 -20.06 -26.38 7.00
N ALA B 178 -19.04 -26.71 7.78
CA ALA B 178 -18.72 -28.11 8.00
C ALA B 178 -18.56 -28.46 9.46
N ASP B 179 -18.14 -27.51 10.27
CA ASP B 179 -17.98 -27.73 11.71
C ASP B 179 -17.07 -28.93 11.97
N ILE B 180 -15.83 -28.79 11.57
CA ILE B 180 -14.82 -29.79 11.83
C ILE B 180 -14.03 -29.32 13.04
N ASP B 181 -13.31 -30.27 13.65
CA ASP B 181 -12.47 -29.98 14.79
C ASP B 181 -11.05 -30.46 14.49
N TYR B 182 -10.11 -29.98 15.30
CA TYR B 182 -8.70 -30.17 15.00
C TYR B 182 -7.87 -29.88 16.24
N ALA B 183 -6.74 -30.57 16.37
CA ALA B 183 -5.79 -30.33 17.43
C ALA B 183 -4.47 -30.97 17.07
N TRP B 184 -3.38 -30.44 17.63
CA TRP B 184 -2.04 -30.96 17.40
C TRP B 184 -1.30 -31.04 18.73
N GLU B 185 -0.82 -32.23 19.06
CA GLU B 185 -0.13 -32.52 20.31
C GLU B 185 1.30 -32.99 20.03
N GLU B 186 2.00 -33.37 21.09
CA GLU B 186 3.35 -33.90 20.98
C GLU B 186 3.54 -35.00 22.01
N ALA B 187 4.67 -35.70 21.88
CA ALA B 187 5.10 -36.73 22.81
C ALA B 187 6.46 -37.25 22.36
N ASP B 188 7.12 -37.99 23.26
CA ASP B 188 8.31 -38.75 22.93
C ASP B 188 8.20 -40.15 23.49
N THR B 189 8.85 -41.11 22.81
CA THR B 189 9.06 -42.41 23.45
C THR B 189 10.43 -42.43 24.10
N THR B 190 11.49 -42.36 23.29
CA THR B 190 12.82 -42.03 23.78
C THR B 190 13.59 -41.16 22.79
N TYR B 191 13.14 -41.06 21.54
CA TYR B 191 13.86 -40.39 20.46
C TYR B 191 13.05 -39.19 20.01
N GLY B 192 13.66 -38.01 20.10
CA GLY B 192 13.07 -36.81 19.54
C GLY B 192 11.63 -36.60 19.96
N LYS B 193 10.88 -35.98 19.06
CA LYS B 193 9.49 -35.66 19.28
C LYS B 193 8.63 -36.27 18.19
N LEU B 194 7.37 -36.51 18.51
CA LEU B 194 6.39 -36.96 17.55
C LEU B 194 5.24 -35.97 17.48
N GLY B 195 4.60 -35.91 16.33
CA GLY B 195 3.47 -35.03 16.15
C GLY B 195 2.23 -35.80 15.77
N VAL B 196 1.17 -35.64 16.55
CA VAL B 196 -0.10 -36.32 16.33
C VAL B 196 -1.15 -35.28 15.99
N LYS B 197 -1.84 -35.48 14.87
CA LYS B 197 -2.91 -34.60 14.44
C LYS B 197 -4.19 -35.40 14.26
N VAL B 198 -5.32 -34.76 14.52
CA VAL B 198 -6.61 -35.44 14.51
C VAL B 198 -7.69 -34.48 14.05
N TRP B 199 -8.52 -34.93 13.10
CA TRP B 199 -9.65 -34.18 12.58
C TRP B 199 -10.90 -35.04 12.76
N ILE B 200 -12.00 -34.42 13.22
CA ILE B 200 -13.27 -35.10 13.39
C ILE B 200 -14.38 -34.28 12.74
N TYR B 201 -15.20 -34.92 11.93
CA TYR B 201 -16.34 -34.29 11.28
C TYR B 201 -17.61 -34.65 12.05
N ARG B 202 -18.36 -33.63 12.45
CA ARG B 202 -19.52 -33.82 13.30
C ARG B 202 -20.76 -33.16 12.71
N GLY B 203 -20.95 -33.30 11.40
CA GLY B 203 -22.04 -32.64 10.72
C GLY B 203 -21.91 -31.12 10.77
N GLU B 204 -22.91 -30.45 10.20
CA GLU B 204 -22.97 -28.99 10.28
C GLU B 204 -24.32 -28.52 10.80
N PRO C 1 -5.61 -16.64 -29.89
CA PRO C 1 -5.22 -17.55 -28.82
C PRO C 1 -5.15 -18.98 -29.31
N ARG C 2 -5.39 -19.95 -28.43
CA ARG C 2 -5.45 -21.34 -28.84
C ARG C 2 -6.88 -21.82 -29.06
N LYS C 3 -7.83 -21.28 -28.31
CA LYS C 3 -9.21 -21.76 -28.39
C LYS C 3 -9.83 -21.40 -29.72
N GLY C 4 -9.66 -20.15 -30.16
CA GLY C 4 -10.21 -19.70 -31.42
C GLY C 4 -10.26 -18.20 -31.50
N PRO C 5 -10.72 -17.67 -32.64
CA PRO C 5 -10.71 -16.23 -32.85
C PRO C 5 -11.47 -15.48 -31.78
N VAL C 6 -11.21 -14.18 -31.70
CA VAL C 6 -11.70 -13.33 -30.62
C VAL C 6 -12.42 -12.14 -31.23
N ALA C 7 -12.89 -11.24 -30.37
CA ALA C 7 -13.76 -10.15 -30.78
C ALA C 7 -12.94 -9.06 -31.48
N LYS C 8 -13.53 -7.87 -31.65
CA LYS C 8 -12.94 -6.83 -32.47
C LYS C 8 -12.79 -5.47 -31.79
N ARG C 9 -13.13 -5.36 -30.50
CA ARG C 9 -12.86 -4.15 -29.72
C ARG C 9 -13.54 -2.92 -30.34
N ASP C 10 -14.86 -2.90 -30.20
CA ASP C 10 -15.68 -1.79 -30.66
C ASP C 10 -15.13 -0.44 -30.19
N VAL C 11 -15.22 0.57 -31.04
CA VAL C 11 -14.74 1.91 -30.73
C VAL C 11 -15.92 2.87 -30.68
N LEU C 12 -15.67 4.01 -30.04
CA LEU C 12 -16.69 5.02 -29.75
C LEU C 12 -16.45 6.24 -30.64
N PRO C 13 -17.30 6.51 -31.62
CA PRO C 13 -16.98 7.55 -32.60
C PRO C 13 -16.94 8.92 -31.96
N ASP C 14 -15.86 9.65 -32.20
CA ASP C 14 -15.67 10.94 -31.55
C ASP C 14 -16.80 11.88 -31.97
N PRO C 15 -17.22 12.78 -31.08
CA PRO C 15 -18.41 13.58 -31.37
C PRO C 15 -18.18 14.76 -32.29
N ILE C 16 -16.94 15.24 -32.46
CA ILE C 16 -16.73 16.44 -33.27
C ILE C 16 -17.11 16.17 -34.72
N TYR C 17 -16.42 15.23 -35.35
CA TYR C 17 -16.67 14.91 -36.75
C TYR C 17 -17.53 13.68 -36.94
N ASN C 18 -17.85 12.97 -35.86
CA ASN C 18 -18.64 11.73 -35.92
C ASN C 18 -17.99 10.72 -36.87
N SER C 19 -16.70 10.46 -36.65
CA SER C 19 -15.93 9.59 -37.51
C SER C 19 -15.03 8.72 -36.67
N LYS C 20 -15.23 7.41 -36.74
CA LYS C 20 -14.43 6.49 -35.95
C LYS C 20 -12.96 6.49 -36.36
N LEU C 21 -12.63 6.97 -37.56
CA LEU C 21 -11.24 7.00 -37.97
C LEU C 21 -10.46 8.06 -37.21
N VAL C 22 -11.08 9.23 -36.99
CA VAL C 22 -10.45 10.26 -36.18
C VAL C 22 -10.27 9.77 -34.75
N THR C 23 -11.15 8.90 -34.28
CA THR C 23 -10.99 8.34 -32.95
C THR C 23 -9.74 7.50 -32.86
N ARG C 24 -9.55 6.58 -33.81
CA ARG C 24 -8.35 5.78 -33.82
C ARG C 24 -7.10 6.63 -34.01
N LEU C 25 -7.19 7.71 -34.79
CA LEU C 25 -6.02 8.57 -34.96
C LEU C 25 -5.67 9.29 -33.65
N ILE C 26 -6.68 9.72 -32.90
CA ILE C 26 -6.44 10.27 -31.58
C ILE C 26 -5.81 9.22 -30.68
N ASN C 27 -6.28 7.97 -30.77
CA ASN C 27 -5.75 6.93 -29.89
C ASN C 27 -4.32 6.58 -30.24
N ARG C 28 -3.90 6.79 -31.49
CA ARG C 28 -2.53 6.43 -31.83
C ARG C 28 -1.54 7.52 -31.48
N VAL C 29 -1.94 8.79 -31.55
CA VAL C 29 -1.05 9.86 -31.14
C VAL C 29 -0.83 9.84 -29.64
N MET C 30 -1.85 9.46 -28.88
CA MET C 30 -1.79 9.56 -27.43
C MET C 30 -0.70 8.66 -26.86
N VAL C 31 0.06 9.20 -25.91
CA VAL C 31 1.06 8.46 -25.18
C VAL C 31 0.83 8.68 -23.69
N ASP C 32 0.92 7.60 -22.91
CA ASP C 32 0.79 7.60 -21.45
C ASP C 32 -0.61 7.90 -20.96
N GLY C 33 -1.61 7.78 -21.83
CA GLY C 33 -2.97 8.06 -21.45
C GLY C 33 -3.31 9.53 -21.29
N LYS C 34 -2.52 10.42 -21.86
CA LYS C 34 -2.83 11.85 -21.81
C LYS C 34 -3.57 12.19 -23.09
N ARG C 35 -4.90 12.07 -23.02
CA ARG C 35 -5.73 12.07 -24.22
C ARG C 35 -6.11 13.47 -24.65
N GLY C 36 -6.31 14.38 -23.70
CA GLY C 36 -6.65 15.76 -24.07
C GLY C 36 -5.57 16.43 -24.88
N ILE C 37 -4.31 16.11 -24.60
CA ILE C 37 -3.21 16.64 -25.41
C ILE C 37 -3.28 16.11 -26.83
N ALA C 38 -3.53 14.81 -26.99
CA ALA C 38 -3.67 14.24 -28.32
C ALA C 38 -4.85 14.85 -29.08
N ALA C 39 -5.96 15.10 -28.38
CA ALA C 39 -7.11 15.71 -29.03
C ALA C 39 -6.80 17.14 -29.47
N ASN C 40 -6.18 17.93 -28.59
CA ASN C 40 -5.78 19.27 -29.00
C ASN C 40 -4.86 19.23 -30.21
N ILE C 41 -3.95 18.26 -30.26
CA ILE C 41 -3.01 18.18 -31.36
C ILE C 41 -3.75 17.89 -32.66
N ILE C 42 -4.65 16.92 -32.65
CA ILE C 42 -5.35 16.57 -33.90
C ILE C 42 -6.22 17.73 -34.36
N TYR C 43 -6.88 18.42 -33.43
CA TYR C 43 -7.77 19.50 -33.85
C TYR C 43 -6.98 20.71 -34.38
N ASN C 44 -5.85 21.04 -33.75
CA ASN C 44 -5.01 22.10 -34.30
C ASN C 44 -4.48 21.72 -35.68
N SER C 45 -4.14 20.45 -35.88
CA SER C 45 -3.65 20.03 -37.18
C SER C 45 -4.72 20.16 -38.25
N PHE C 46 -5.97 19.80 -37.92
CA PHE C 46 -7.02 19.92 -38.93
C PHE C 46 -7.36 21.37 -39.21
N ASP C 47 -7.37 22.22 -38.17
CA ASP C 47 -7.49 23.66 -38.38
C ASP C 47 -6.41 24.17 -39.32
N ILE C 48 -5.18 23.71 -39.15
CA ILE C 48 -4.09 24.13 -40.03
C ILE C 48 -4.31 23.63 -41.44
N ILE C 49 -4.88 22.42 -41.59
CA ILE C 49 -5.14 21.89 -42.93
C ILE C 49 -6.16 22.75 -43.67
N LYS C 50 -7.32 22.98 -43.04
CA LYS C 50 -8.39 23.70 -43.74
C LYS C 50 -7.99 25.15 -44.02
N GLU C 51 -7.36 25.80 -43.05
CA GLU C 51 -6.98 27.20 -43.21
C GLU C 51 -6.02 27.41 -44.37
N SER C 52 -5.08 26.49 -44.57
CA SER C 52 -4.06 26.65 -45.60
C SER C 52 -4.32 25.65 -46.71
N THR C 53 -4.83 26.15 -47.83
CA THR C 53 -5.00 25.37 -49.06
C THR C 53 -5.70 24.05 -48.77
N GLY C 54 -6.93 24.17 -48.27
CA GLY C 54 -7.70 23.00 -47.88
C GLY C 54 -9.14 23.13 -48.33
N ASN C 55 -9.85 22.02 -48.20
CA ASN C 55 -11.27 21.95 -48.50
C ASN C 55 -12.08 21.48 -47.30
N ASP C 56 -11.67 20.39 -46.66
CA ASP C 56 -12.26 19.88 -45.43
C ASP C 56 -11.32 18.82 -44.88
N PRO C 57 -11.12 18.78 -43.56
CA PRO C 57 -10.13 17.84 -43.01
C PRO C 57 -10.48 16.38 -43.21
N LEU C 58 -11.75 16.02 -43.31
CA LEU C 58 -12.09 14.62 -43.52
C LEU C 58 -11.71 14.15 -44.91
N GLU C 59 -11.91 14.99 -45.91
CA GLU C 59 -11.73 14.59 -47.31
C GLU C 59 -10.26 14.29 -47.61
N VAL C 60 -9.39 15.27 -47.33
CA VAL C 60 -7.97 15.12 -47.59
C VAL C 60 -7.37 14.03 -46.71
N PHE C 61 -7.91 13.86 -45.49
CA PHE C 61 -7.44 12.78 -44.63
C PHE C 61 -7.79 11.42 -45.21
N GLU C 62 -9.01 11.25 -45.69
CA GLU C 62 -9.37 9.96 -46.29
C GLU C 62 -8.52 9.70 -47.51
N GLN C 63 -8.29 10.71 -48.35
CA GLN C 63 -7.49 10.47 -49.53
C GLN C 63 -6.06 10.10 -49.16
N ALA C 64 -5.48 10.78 -48.17
CA ALA C 64 -4.15 10.40 -47.72
C ALA C 64 -4.13 8.97 -47.20
N MET C 65 -5.16 8.57 -46.45
CA MET C 65 -5.24 7.19 -46.00
C MET C 65 -5.27 6.23 -47.18
N LYS C 66 -6.08 6.55 -48.19
CA LYS C 66 -6.19 5.69 -49.36
C LYS C 66 -4.85 5.54 -50.08
N ASN C 67 -4.07 6.62 -50.12
CA ASN C 67 -2.80 6.55 -50.84
C ASN C 67 -1.70 5.84 -50.08
N VAL C 68 -1.87 5.61 -48.78
CA VAL C 68 -0.80 5.05 -47.94
C VAL C 68 -1.04 3.57 -47.64
N MET C 69 -2.29 3.18 -47.45
CA MET C 69 -2.57 1.84 -46.96
C MET C 69 -2.03 0.78 -47.92
N PRO C 70 -1.54 -0.35 -47.42
CA PRO C 70 -0.97 -1.37 -48.29
C PRO C 70 -2.01 -2.37 -48.75
N VAL C 71 -1.65 -3.13 -49.79
CA VAL C 71 -2.54 -4.14 -50.34
C VAL C 71 -1.85 -5.49 -50.54
N LEU C 72 -0.54 -5.57 -50.32
CA LEU C 72 0.18 -6.85 -50.43
C LEU C 72 1.32 -6.84 -49.43
N GLU C 73 1.18 -7.63 -48.37
CA GLU C 73 2.20 -7.76 -47.35
C GLU C 73 2.70 -9.19 -47.33
N VAL C 74 3.95 -9.37 -46.94
CA VAL C 74 4.56 -10.69 -46.87
C VAL C 74 4.75 -11.07 -45.40
N LYS C 75 5.01 -12.36 -45.17
CA LYS C 75 5.21 -12.88 -43.83
C LYS C 75 6.39 -13.83 -43.85
N ALA C 76 7.41 -13.53 -43.05
CA ALA C 76 8.59 -14.38 -42.97
C ALA C 76 8.29 -15.53 -42.02
N ARG C 77 8.42 -16.75 -42.54
CA ARG C 77 7.98 -17.96 -41.85
C ARG C 77 9.15 -18.94 -41.69
N ARG C 78 8.92 -19.95 -40.87
CA ARG C 78 9.85 -21.05 -40.66
C ARG C 78 9.17 -22.36 -41.00
N VAL C 79 9.93 -23.29 -41.60
CA VAL C 79 9.38 -24.55 -42.08
C VAL C 79 9.91 -25.70 -41.24
N GLY C 80 11.21 -25.93 -41.32
CA GLY C 80 11.83 -27.03 -40.60
C GLY C 80 13.25 -26.74 -40.17
N GLY C 81 13.68 -25.49 -40.28
CA GLY C 81 15.04 -25.11 -39.91
C GLY C 81 15.62 -24.08 -40.85
N SER C 82 14.94 -23.88 -41.97
CA SER C 82 15.26 -22.84 -42.93
C SER C 82 14.08 -21.90 -43.02
N ASN C 83 14.33 -20.60 -42.95
CA ASN C 83 13.27 -19.60 -42.95
C ASN C 83 13.32 -18.78 -44.24
N TYR C 84 12.14 -18.37 -44.68
CA TYR C 84 11.99 -17.63 -45.93
C TYR C 84 10.98 -16.53 -45.67
N GLN C 85 10.37 -16.01 -46.74
CA GLN C 85 9.27 -15.07 -46.63
C GLN C 85 8.35 -15.27 -47.82
N VAL C 86 7.04 -15.14 -47.59
CA VAL C 86 6.06 -15.30 -48.66
C VAL C 86 5.04 -14.18 -48.61
N PRO C 87 4.55 -13.69 -49.74
CA PRO C 87 3.43 -12.75 -49.74
C PRO C 87 2.12 -13.43 -49.36
N VAL C 88 1.16 -12.59 -48.95
CA VAL C 88 -0.20 -13.00 -48.68
C VAL C 88 -1.10 -11.77 -48.86
N GLU C 89 -2.41 -11.99 -48.87
CA GLU C 89 -3.36 -10.90 -48.93
C GLU C 89 -3.36 -10.15 -47.61
N VAL C 90 -4.29 -9.19 -47.48
CA VAL C 90 -4.34 -8.35 -46.30
C VAL C 90 -5.80 -8.03 -45.99
N ARG C 91 -6.27 -8.44 -44.81
CA ARG C 91 -7.64 -8.21 -44.41
C ARG C 91 -7.83 -6.73 -44.08
N PRO C 92 -9.09 -6.25 -44.08
CA PRO C 92 -9.30 -4.80 -44.05
C PRO C 92 -8.80 -4.10 -42.79
N GLU C 93 -9.07 -4.64 -41.61
CA GLU C 93 -8.71 -3.91 -40.40
C GLU C 93 -7.20 -3.74 -40.29
N ARG C 94 -6.44 -4.76 -40.71
CA ARG C 94 -5.00 -4.63 -40.70
C ARG C 94 -4.54 -3.49 -41.59
N ARG C 95 -5.28 -3.23 -42.66
CA ARG C 95 -4.88 -2.20 -43.61
C ARG C 95 -4.90 -0.81 -42.95
N THR C 96 -6.04 -0.44 -42.36
CA THR C 96 -6.11 0.85 -41.68
C THR C 96 -5.19 0.91 -40.48
N THR C 97 -5.01 -0.22 -39.79
CA THR C 97 -4.02 -0.28 -38.72
C THR C 97 -2.66 0.18 -39.22
N LEU C 98 -2.16 -0.47 -40.28
CA LEU C 98 -0.87 -0.14 -40.83
C LEU C 98 -0.81 1.31 -41.31
N GLY C 99 -1.85 1.77 -41.98
CA GLY C 99 -1.88 3.12 -42.48
C GLY C 99 -1.67 4.15 -41.38
N LEU C 100 -2.55 4.11 -40.37
CA LEU C 100 -2.41 5.01 -39.22
C LEU C 100 -1.01 4.89 -38.62
N ARG C 101 -0.55 3.67 -38.42
CA ARG C 101 0.73 3.45 -37.76
C ARG C 101 1.85 4.15 -38.50
N TRP C 102 1.94 3.93 -39.82
CA TRP C 102 3.02 4.54 -40.60
C TRP C 102 2.93 6.05 -40.58
N VAL C 103 1.73 6.59 -40.79
CA VAL C 103 1.57 8.04 -40.84
C VAL C 103 2.06 8.67 -39.54
N VAL C 104 1.63 8.13 -38.40
CA VAL C 104 2.04 8.71 -37.13
C VAL C 104 3.53 8.54 -36.91
N ASN C 105 4.06 7.35 -37.22
CA ASN C 105 5.48 7.08 -36.98
C ASN C 105 6.35 8.05 -37.77
N TYR C 106 5.98 8.30 -39.03
CA TYR C 106 6.81 9.13 -39.89
C TYR C 106 6.49 10.61 -39.81
N ALA C 107 5.40 10.98 -39.15
CA ALA C 107 5.22 12.38 -38.77
C ALA C 107 5.98 12.70 -37.49
N ARG C 108 6.14 11.71 -36.62
CA ARG C 108 6.86 11.92 -35.37
C ARG C 108 8.34 12.16 -35.60
N LEU C 109 8.87 11.79 -36.77
CA LEU C 109 10.28 11.92 -37.08
C LEU C 109 10.58 13.05 -38.06
N ARG C 110 9.67 14.04 -38.17
CA ARG C 110 9.82 15.05 -39.21
C ARG C 110 11.00 15.97 -38.94
N GLY C 111 10.93 16.75 -37.85
CA GLY C 111 11.95 17.74 -37.59
C GLY C 111 11.51 19.18 -37.78
N GLU C 112 10.34 19.51 -37.26
CA GLU C 112 9.89 20.87 -37.09
C GLU C 112 9.64 21.10 -35.60
N HIS C 113 8.99 22.22 -35.27
CA HIS C 113 8.90 22.64 -33.90
C HIS C 113 7.52 22.41 -33.26
N THR C 114 6.68 21.56 -33.87
CA THR C 114 5.40 21.24 -33.26
C THR C 114 4.83 19.99 -33.90
N MET C 115 4.19 19.16 -33.07
CA MET C 115 3.57 17.94 -33.60
C MET C 115 2.48 18.25 -34.59
N GLU C 116 1.86 19.43 -34.51
CA GLU C 116 0.86 19.82 -35.49
C GLU C 116 1.51 20.22 -36.81
N GLU C 117 2.50 21.10 -36.76
CA GLU C 117 3.30 21.42 -37.94
C GLU C 117 3.89 20.18 -38.57
N ARG C 118 3.96 19.07 -37.84
CA ARG C 118 4.39 17.82 -38.46
C ARG C 118 3.23 17.00 -39.02
N LEU C 119 2.14 16.85 -38.26
CA LEU C 119 1.06 15.96 -38.67
C LEU C 119 0.29 16.52 -39.85
N ALA C 120 -0.11 17.79 -39.77
CA ALA C 120 -0.83 18.39 -40.88
C ALA C 120 0.01 18.35 -42.15
N LYS C 121 1.27 18.76 -42.03
CA LYS C 121 2.17 18.77 -43.19
C LYS C 121 2.34 17.37 -43.75
N GLU C 122 2.45 16.36 -42.89
CA GLU C 122 2.73 15.02 -43.38
C GLU C 122 1.51 14.40 -44.07
N ILE C 123 0.31 14.59 -43.52
CA ILE C 123 -0.83 14.01 -44.22
C ILE C 123 -1.21 14.83 -45.45
N MET C 124 -0.81 16.11 -45.53
CA MET C 124 -0.95 16.80 -46.81
C MET C 124 0.02 16.25 -47.84
N ASP C 125 1.30 16.09 -47.46
CA ASP C 125 2.25 15.45 -48.35
C ASP C 125 1.82 14.06 -48.75
N ALA C 126 1.03 13.41 -47.90
CA ALA C 126 0.56 12.06 -48.20
C ALA C 126 -0.61 12.08 -49.18
N ALA C 127 -1.53 13.03 -49.03
CA ALA C 127 -2.65 13.09 -49.97
C ALA C 127 -2.22 13.55 -51.36
N ASN C 128 -0.93 13.76 -51.60
CA ASN C 128 -0.41 14.11 -52.91
C ASN C 128 0.65 13.11 -53.37
N ASN C 129 0.54 11.87 -52.92
CA ASN C 129 1.46 10.79 -53.27
C ASN C 129 2.91 11.20 -53.06
N THR C 130 3.21 11.59 -51.83
CA THR C 130 4.57 11.96 -51.42
C THR C 130 4.76 11.61 -49.95
N GLY C 131 6.00 11.56 -49.53
CA GLY C 131 6.29 11.34 -48.12
C GLY C 131 6.72 9.91 -47.85
N ALA C 132 7.57 9.76 -46.82
CA ALA C 132 8.14 8.45 -46.51
C ALA C 132 7.08 7.40 -46.24
N SER C 133 5.85 7.81 -45.94
CA SER C 133 4.78 6.82 -45.75
C SER C 133 4.45 6.13 -47.06
N VAL C 134 4.28 6.91 -48.14
CA VAL C 134 4.00 6.34 -49.45
C VAL C 134 5.19 5.52 -49.94
N LYS C 135 6.40 5.99 -49.64
CA LYS C 135 7.58 5.21 -50.01
C LYS C 135 7.66 3.92 -49.22
N LYS C 136 7.18 3.92 -47.97
CA LYS C 136 7.13 2.68 -47.20
C LYS C 136 6.14 1.70 -47.82
N ARG C 137 4.96 2.19 -48.21
CA ARG C 137 4.02 1.35 -48.94
C ARG C 137 4.66 0.74 -50.18
N GLU C 138 5.37 1.55 -50.95
CA GLU C 138 5.92 1.03 -52.20
C GLU C 138 7.08 0.08 -51.95
N ASP C 139 7.89 0.30 -50.91
CA ASP C 139 8.85 -0.71 -50.50
C ASP C 139 8.16 -2.03 -50.22
N THR C 140 7.01 -1.98 -49.54
CA THR C 140 6.30 -3.22 -49.23
C THR C 140 5.82 -3.91 -50.50
N HIS C 141 5.23 -3.14 -51.42
CA HIS C 141 4.74 -3.74 -52.66
C HIS C 141 5.86 -4.28 -53.52
N LYS C 142 7.07 -3.71 -53.39
CA LYS C 142 8.21 -4.19 -54.17
C LYS C 142 8.82 -5.44 -53.55
N MET C 143 8.85 -5.52 -52.22
CA MET C 143 9.26 -6.75 -51.57
C MET C 143 8.33 -7.89 -51.96
N ALA C 144 7.03 -7.67 -51.79
CA ALA C 144 6.05 -8.54 -52.43
C ALA C 144 6.16 -8.38 -53.94
N ASP C 145 5.51 -9.29 -54.66
CA ASP C 145 5.53 -9.29 -56.13
C ASP C 145 6.95 -9.46 -56.66
N ALA C 146 7.90 -9.64 -55.74
CA ALA C 146 9.21 -10.20 -56.04
C ALA C 146 9.43 -11.48 -55.28
N ASN C 147 9.28 -11.46 -53.95
CA ASN C 147 9.48 -12.66 -53.17
C ASN C 147 8.34 -13.66 -53.31
N ARG C 148 7.46 -13.47 -54.31
CA ARG C 148 6.53 -14.52 -54.69
C ARG C 148 7.25 -15.73 -55.28
N ALA C 149 8.54 -15.60 -55.59
CA ALA C 149 9.29 -16.71 -56.16
C ALA C 149 9.26 -17.91 -55.23
N PHE C 150 9.79 -17.75 -54.02
CA PHE C 150 9.66 -18.83 -53.05
C PHE C 150 8.41 -18.65 -52.23
N ALA C 151 7.30 -18.42 -52.93
CA ALA C 151 5.98 -18.34 -52.32
C ALA C 151 4.92 -18.97 -53.20
N HIS C 152 5.32 -19.38 -54.41
CA HIS C 152 4.34 -19.74 -55.43
C HIS C 152 3.60 -21.02 -55.07
N TYR C 153 4.19 -21.88 -54.23
CA TYR C 153 3.52 -23.10 -53.78
C TYR C 153 3.44 -23.18 -52.26
N ARG C 154 3.75 -22.10 -51.55
CA ARG C 154 3.62 -22.10 -50.10
C ARG C 154 2.15 -22.18 -49.70
N GLN D 1 -43.24 24.75 -9.16
CA GLN D 1 -42.80 24.23 -10.44
C GLN D 1 -42.93 22.71 -10.51
N VAL D 2 -42.82 22.17 -11.71
CA VAL D 2 -42.61 20.74 -11.90
C VAL D 2 -41.13 20.51 -12.11
N GLN D 3 -40.63 19.37 -11.66
CA GLN D 3 -39.25 19.02 -11.90
C GLN D 3 -39.11 17.51 -11.91
N TYR D 4 -37.96 17.05 -12.38
CA TYR D 4 -37.69 15.63 -12.53
C TYR D 4 -36.29 15.37 -12.00
N SER D 5 -36.14 14.33 -11.18
CA SER D 5 -34.88 14.05 -10.52
C SER D 5 -34.43 12.63 -10.80
N GLY D 6 -33.12 12.48 -10.94
CA GLY D 6 -32.52 11.17 -11.19
C GLY D 6 -31.15 11.14 -10.54
N THR D 7 -30.62 9.94 -10.41
CA THR D 7 -29.34 9.74 -9.75
C THR D 7 -28.44 8.91 -10.65
N GLY D 8 -27.21 9.36 -10.82
CA GLY D 8 -26.28 8.72 -11.74
C GLY D 8 -24.96 8.40 -11.08
N ARG D 9 -24.44 7.21 -11.38
CA ARG D 9 -23.23 6.71 -10.76
C ARG D 9 -22.26 6.22 -11.83
N ARG D 10 -20.98 6.52 -11.63
CA ARG D 10 -19.93 6.00 -12.51
C ARG D 10 -18.61 6.16 -11.78
N LYS D 11 -17.97 5.05 -11.43
CA LYS D 11 -16.54 5.01 -11.10
C LYS D 11 -16.21 5.97 -9.95
N ASN D 12 -16.77 5.64 -8.78
CA ASN D 12 -16.54 6.38 -7.53
C ASN D 12 -17.14 7.77 -7.52
N ALA D 13 -18.04 8.08 -8.45
CA ALA D 13 -18.68 9.39 -8.49
C ALA D 13 -20.18 9.23 -8.58
N VAL D 14 -20.91 10.07 -7.84
CA VAL D 14 -22.37 10.01 -7.78
C VAL D 14 -22.93 11.40 -8.02
N ALA D 15 -23.94 11.49 -8.87
CA ALA D 15 -24.51 12.78 -9.27
C ALA D 15 -26.01 12.79 -9.05
N ARG D 16 -26.54 13.95 -8.68
CA ARG D 16 -27.96 14.15 -8.43
C ARG D 16 -28.48 15.22 -9.38
N VAL D 17 -29.25 14.83 -10.38
CA VAL D 17 -29.60 15.71 -11.48
C VAL D 17 -31.08 16.06 -11.41
N ARG D 18 -31.40 17.27 -11.85
CA ARG D 18 -32.77 17.77 -11.85
C ARG D 18 -33.10 18.35 -13.21
N LEU D 19 -34.17 17.86 -13.82
CA LEU D 19 -34.66 18.40 -15.07
C LEU D 19 -35.76 19.42 -14.79
N VAL D 20 -35.71 20.54 -15.53
CA VAL D 20 -36.63 21.65 -15.36
C VAL D 20 -36.83 22.30 -16.71
N PRO D 21 -38.06 22.49 -17.18
CA PRO D 21 -38.26 23.16 -18.47
C PRO D 21 -37.62 24.55 -18.51
N GLY D 22 -37.14 24.92 -19.68
CA GLY D 22 -36.33 26.11 -19.85
C GLY D 22 -35.95 26.37 -21.29
N THR D 23 -34.68 26.69 -21.54
CA THR D 23 -34.19 26.98 -22.88
C THR D 23 -32.92 26.22 -23.27
N GLY D 24 -32.44 25.32 -22.44
CA GLY D 24 -31.28 24.53 -22.79
C GLY D 24 -30.01 25.08 -22.20
N LYS D 25 -29.59 24.52 -21.07
CA LYS D 25 -28.46 25.01 -20.30
C LYS D 25 -28.27 24.06 -19.14
N ILE D 26 -27.07 24.05 -18.58
CA ILE D 26 -26.74 23.16 -17.46
C ILE D 26 -25.74 23.86 -16.57
N THR D 27 -25.99 23.86 -15.26
CA THR D 27 -25.10 24.41 -14.27
C THR D 27 -24.86 23.37 -13.19
N VAL D 28 -23.63 23.29 -12.69
CA VAL D 28 -23.23 22.24 -11.76
C VAL D 28 -22.42 22.86 -10.62
N ASN D 29 -22.86 22.62 -9.39
CA ASN D 29 -22.18 23.12 -8.20
C ASN D 29 -22.06 24.64 -8.23
N LYS D 30 -23.15 25.30 -8.60
CA LYS D 30 -23.25 26.76 -8.64
C LYS D 30 -22.26 27.38 -9.60
N LYS D 31 -21.84 26.64 -10.61
CA LYS D 31 -20.98 27.17 -11.67
C LYS D 31 -21.54 26.74 -13.01
N ASP D 32 -20.99 27.30 -14.08
CA ASP D 32 -21.47 26.96 -15.41
C ASP D 32 -20.68 25.81 -15.99
N VAL D 33 -21.41 24.89 -16.65
CA VAL D 33 -20.81 23.66 -17.16
C VAL D 33 -19.70 23.94 -18.16
N GLU D 34 -19.67 25.14 -18.74
CA GLU D 34 -18.52 25.53 -19.56
C GLU D 34 -17.28 25.74 -18.72
N GLU D 35 -17.46 26.10 -17.45
CA GLU D 35 -16.33 26.37 -16.57
C GLU D 35 -16.02 25.23 -15.62
N TYR D 36 -17.02 24.45 -15.23
CA TYR D 36 -16.78 23.37 -14.28
C TYR D 36 -16.04 22.21 -14.93
N ILE D 37 -16.49 21.78 -16.11
CA ILE D 37 -15.79 20.76 -16.88
C ILE D 37 -15.27 21.41 -18.16
N PRO D 38 -14.31 22.30 -18.07
CA PRO D 38 -13.90 23.03 -19.27
C PRO D 38 -12.82 22.28 -20.00
N HIS D 39 -12.98 20.98 -20.21
CA HIS D 39 -11.78 20.30 -20.63
C HIS D 39 -11.56 20.45 -22.13
N ALA D 40 -12.31 19.71 -22.95
CA ALA D 40 -12.49 20.13 -24.33
C ALA D 40 -13.92 19.91 -24.81
N ASP D 41 -14.35 18.65 -24.71
CA ASP D 41 -15.51 18.16 -25.44
C ASP D 41 -16.31 17.14 -24.66
N LEU D 42 -16.01 16.92 -23.37
CA LEU D 42 -16.82 16.02 -22.57
C LEU D 42 -18.26 16.49 -22.50
N ARG D 43 -18.51 17.77 -22.73
CA ARG D 43 -19.87 18.28 -22.76
C ARG D 43 -20.67 17.65 -23.89
N GLU D 44 -20.03 17.41 -25.02
CA GLU D 44 -20.70 16.72 -26.11
C GLU D 44 -20.95 15.26 -25.81
N VAL D 45 -20.33 14.72 -24.77
CA VAL D 45 -20.72 13.43 -24.22
C VAL D 45 -21.92 13.58 -23.30
N ILE D 46 -22.04 14.72 -22.61
CA ILE D 46 -23.12 14.91 -21.66
C ILE D 46 -24.44 15.13 -22.38
N ASN D 47 -24.43 15.90 -23.46
CA ASN D 47 -25.66 16.27 -24.15
C ASN D 47 -26.12 15.21 -25.14
N GLN D 48 -25.76 13.95 -24.94
CA GLN D 48 -26.12 12.88 -25.86
C GLN D 48 -27.55 12.36 -25.69
N PRO D 49 -28.06 12.21 -24.46
CA PRO D 49 -29.45 11.77 -24.32
C PRO D 49 -30.45 12.72 -24.98
N PHE D 50 -30.27 14.03 -24.79
CA PHE D 50 -31.07 15.00 -25.52
C PHE D 50 -30.89 14.81 -27.03
N GLY D 51 -29.71 14.37 -27.46
CA GLY D 51 -29.48 14.19 -28.87
C GLY D 51 -30.16 12.99 -29.48
N VAL D 52 -30.41 11.95 -28.69
CA VAL D 52 -31.00 10.73 -29.21
C VAL D 52 -32.51 10.69 -28.98
N THR D 53 -32.97 11.08 -27.80
CA THR D 53 -34.39 11.01 -27.48
C THR D 53 -34.81 12.32 -26.85
N GLU D 54 -36.11 12.57 -26.88
CA GLU D 54 -36.66 13.87 -26.49
C GLU D 54 -35.87 14.98 -27.19
N THR D 55 -35.84 14.89 -28.52
CA THR D 55 -34.94 15.71 -29.31
C THR D 55 -35.52 17.11 -29.48
N LYS D 56 -34.87 18.11 -28.90
CA LYS D 56 -33.72 17.91 -28.01
C LYS D 56 -33.83 18.80 -26.79
N GLY D 57 -34.73 19.79 -26.84
CA GLY D 57 -34.93 20.72 -25.75
C GLY D 57 -36.39 20.80 -25.39
N ALA D 58 -36.70 21.64 -24.40
CA ALA D 58 -35.70 22.47 -23.74
C ALA D 58 -35.81 22.34 -22.23
N TYR D 59 -34.72 21.92 -21.60
CA TYR D 59 -34.67 21.77 -20.16
C TYR D 59 -33.40 22.42 -19.63
N ASP D 60 -33.55 23.30 -18.65
CA ASP D 60 -32.41 23.64 -17.81
C ASP D 60 -32.07 22.45 -16.94
N VAL D 61 -30.78 22.17 -16.78
CA VAL D 61 -30.31 21.07 -15.96
C VAL D 61 -29.57 21.63 -14.77
N ILE D 62 -29.92 21.16 -13.57
CA ILE D 62 -29.23 21.49 -12.34
C ILE D 62 -28.78 20.20 -11.70
N VAL D 63 -27.48 20.09 -11.42
CA VAL D 63 -26.91 18.86 -10.91
C VAL D 63 -26.08 19.16 -9.68
N ASN D 64 -25.94 18.14 -8.81
CA ASN D 64 -25.08 18.18 -7.65
C ASN D 64 -24.18 16.94 -7.73
N VAL D 65 -22.87 17.16 -7.88
CA VAL D 65 -21.96 16.06 -8.17
C VAL D 65 -20.85 16.06 -7.13
N ASN D 66 -20.34 14.88 -6.82
CA ASN D 66 -19.24 14.75 -5.86
C ASN D 66 -18.60 13.39 -6.00
N GLY D 67 -17.28 13.35 -6.05
CA GLY D 67 -16.57 12.10 -6.14
C GLY D 67 -15.88 11.93 -7.48
N GLY D 68 -14.89 11.06 -7.49
CA GLY D 68 -14.19 10.71 -8.71
C GLY D 68 -13.42 11.86 -9.33
N GLY D 69 -13.15 11.71 -10.62
CA GLY D 69 -12.43 12.70 -11.38
C GLY D 69 -13.31 13.43 -12.37
N TYR D 70 -12.68 14.25 -13.21
CA TYR D 70 -13.45 15.11 -14.11
C TYR D 70 -14.09 14.30 -15.23
N ALA D 71 -13.52 13.16 -15.58
CA ALA D 71 -14.09 12.36 -16.64
C ALA D 71 -15.05 11.30 -16.13
N GLY D 72 -14.99 10.98 -14.85
CA GLY D 72 -15.93 10.04 -14.30
C GLY D 72 -17.23 10.72 -13.97
N GLN D 73 -17.14 11.89 -13.36
CA GLN D 73 -18.33 12.61 -12.95
C GLN D 73 -18.95 13.39 -14.09
N SER D 74 -18.60 13.10 -15.34
CA SER D 74 -19.39 13.53 -16.49
C SER D 74 -20.16 12.40 -17.14
N GLY D 75 -19.56 11.21 -17.20
CA GLY D 75 -20.34 10.03 -17.50
C GLY D 75 -21.42 9.78 -16.48
N ALA D 76 -21.14 10.10 -15.21
CA ALA D 76 -22.17 10.00 -14.19
C ALA D 76 -23.30 11.00 -14.44
N ILE D 77 -22.95 12.22 -14.82
CA ILE D 77 -23.97 13.21 -15.13
C ILE D 77 -24.84 12.73 -16.29
N ARG D 78 -24.21 12.14 -17.31
CA ARG D 78 -24.95 11.62 -18.43
C ARG D 78 -25.93 10.54 -17.99
N HIS D 79 -25.45 9.61 -17.17
CA HIS D 79 -26.31 8.59 -16.59
C HIS D 79 -27.55 9.19 -15.94
N GLY D 80 -27.33 10.19 -15.08
CA GLY D 80 -28.44 10.79 -14.37
C GLY D 80 -29.42 11.50 -15.27
N ILE D 81 -28.92 12.26 -16.23
CA ILE D 81 -29.79 12.96 -17.16
C ILE D 81 -30.65 11.97 -17.94
N ALA D 82 -30.06 10.84 -18.33
CA ALA D 82 -30.85 9.84 -19.03
C ALA D 82 -31.96 9.27 -18.16
N ARG D 83 -31.63 8.94 -16.90
CA ARG D 83 -32.67 8.42 -16.03
C ARG D 83 -33.80 9.41 -15.84
N ALA D 84 -33.46 10.68 -15.66
CA ALA D 84 -34.49 11.71 -15.49
C ALA D 84 -35.36 11.82 -16.73
N LEU D 85 -34.76 11.77 -17.91
CA LEU D 85 -35.56 11.80 -19.13
C LEU D 85 -36.50 10.62 -19.19
N LEU D 86 -36.03 9.44 -18.83
CA LEU D 86 -36.90 8.28 -18.73
C LEU D 86 -38.08 8.57 -17.83
N GLN D 87 -37.84 9.29 -16.73
CA GLN D 87 -38.93 9.60 -15.80
C GLN D 87 -40.00 10.47 -16.45
N VAL D 88 -39.61 11.36 -17.35
CA VAL D 88 -40.59 12.27 -17.96
C VAL D 88 -41.65 11.48 -18.70
N ASP D 89 -41.24 10.76 -19.74
CA ASP D 89 -42.15 9.91 -20.49
C ASP D 89 -41.55 8.51 -20.53
N PRO D 90 -42.30 7.48 -20.11
CA PRO D 90 -41.76 6.12 -20.16
C PRO D 90 -41.59 5.60 -21.57
N ASP D 91 -42.09 6.30 -22.58
CA ASP D 91 -41.95 5.84 -23.95
C ASP D 91 -40.53 5.99 -24.48
N PHE D 92 -39.64 6.58 -23.69
CA PHE D 92 -38.25 6.76 -24.12
C PHE D 92 -37.38 5.55 -23.84
N ARG D 93 -37.86 4.59 -23.08
CA ARG D 93 -37.06 3.44 -22.69
C ARG D 93 -36.75 2.53 -23.85
N SER D 94 -36.97 2.90 -25.09
CA SER D 94 -36.53 2.10 -26.23
C SER D 94 -35.41 2.77 -27.00
N ALA D 95 -35.59 4.04 -27.37
CA ALA D 95 -34.53 4.76 -28.09
C ALA D 95 -33.29 4.88 -27.21
N LEU D 96 -33.47 5.26 -25.95
CA LEU D 96 -32.34 5.28 -25.03
C LEU D 96 -31.75 3.89 -24.86
N LYS D 97 -32.60 2.88 -24.68
CA LYS D 97 -32.11 1.54 -24.44
C LYS D 97 -31.25 1.03 -25.58
N ARG D 98 -31.58 1.39 -26.82
CA ARG D 98 -30.79 0.93 -27.95
C ARG D 98 -29.35 1.44 -27.88
N ALA D 99 -29.16 2.66 -27.44
CA ALA D 99 -27.88 3.35 -27.54
C ALA D 99 -27.12 3.38 -26.22
N GLY D 100 -27.18 2.29 -25.47
CA GLY D 100 -26.61 2.29 -24.13
C GLY D 100 -27.38 3.26 -23.27
N LEU D 101 -26.71 4.27 -22.74
CA LEU D 101 -27.32 5.46 -22.15
C LEU D 101 -28.29 5.14 -21.04
N LEU D 102 -28.35 3.89 -20.58
CA LEU D 102 -29.26 3.54 -19.51
C LEU D 102 -28.65 2.60 -18.49
N THR D 103 -27.43 2.13 -18.70
CA THR D 103 -26.80 1.12 -17.87
C THR D 103 -25.69 1.74 -17.05
N ARG D 104 -25.37 1.09 -15.94
CA ARG D 104 -24.27 1.49 -15.09
C ARG D 104 -23.01 0.78 -15.54
N ASP D 105 -21.91 1.50 -15.66
CA ASP D 105 -20.65 0.91 -16.07
C ASP D 105 -19.95 0.39 -14.82
N ALA D 106 -19.83 -0.92 -14.71
CA ALA D 106 -19.25 -1.55 -13.53
C ALA D 106 -17.76 -1.83 -13.72
N ARG D 107 -17.03 -0.85 -14.21
CA ARG D 107 -15.59 -1.00 -14.45
C ARG D 107 -14.87 -0.20 -13.38
N MET D 108 -14.59 -0.85 -12.26
CA MET D 108 -13.93 -0.22 -11.13
C MET D 108 -12.45 -0.57 -11.15
N VAL D 109 -11.70 0.06 -10.25
CA VAL D 109 -10.27 -0.14 -10.15
C VAL D 109 -10.00 -1.49 -9.50
N GLU D 110 -9.35 -2.38 -10.23
CA GLU D 110 -9.03 -3.70 -9.70
C GLU D 110 -8.03 -3.62 -8.55
N ARG D 111 -8.19 -4.50 -7.58
CA ARG D 111 -7.38 -4.41 -6.37
C ARG D 111 -6.00 -4.99 -6.60
N LYS D 112 -5.04 -4.50 -5.82
CA LYS D 112 -3.68 -4.97 -5.91
C LYS D 112 -3.50 -6.28 -5.16
N LYS D 113 -2.75 -7.18 -5.72
CA LYS D 113 -2.45 -8.44 -5.10
C LYS D 113 -1.04 -8.42 -4.51
N PRO D 114 -0.79 -9.18 -3.45
CA PRO D 114 0.57 -9.24 -2.90
C PRO D 114 1.51 -10.03 -3.79
N GLY D 115 2.79 -9.71 -3.69
CA GLY D 115 3.79 -10.32 -4.53
C GLY D 115 3.82 -9.82 -5.95
N LEU D 116 2.92 -8.91 -6.31
CA LEU D 116 2.88 -8.33 -7.64
C LEU D 116 3.14 -6.84 -7.54
N LYS D 117 3.65 -6.28 -8.65
CA LYS D 117 3.93 -4.86 -8.68
C LYS D 117 2.65 -4.04 -8.70
N LYS D 118 1.65 -4.51 -9.44
CA LYS D 118 0.38 -3.83 -9.59
C LYS D 118 -0.70 -4.91 -9.53
N ALA D 119 -1.89 -4.59 -10.02
CA ALA D 119 -2.95 -5.59 -10.08
C ALA D 119 -2.54 -6.78 -10.94
N ARG D 120 -1.79 -6.55 -12.02
CA ARG D 120 -1.37 -7.66 -12.86
C ARG D 120 0.07 -7.62 -13.33
N LYS D 121 0.77 -6.50 -13.22
CA LYS D 121 2.16 -6.42 -13.65
C LYS D 121 3.05 -7.08 -12.62
N ALA D 122 3.90 -7.99 -13.07
CA ALA D 122 4.79 -8.74 -12.19
C ALA D 122 6.22 -8.21 -12.31
N SER D 123 7.09 -8.73 -11.45
CA SER D 123 8.48 -8.27 -11.41
C SER D 123 9.26 -8.80 -12.60
N GLN D 124 10.45 -8.24 -12.80
CA GLN D 124 11.29 -8.66 -13.92
C GLN D 124 12.04 -9.92 -13.56
N PHE D 125 12.18 -10.81 -14.55
CA PHE D 125 12.60 -12.18 -14.36
C PHE D 125 13.94 -12.40 -15.06
N SER D 126 14.67 -13.42 -14.63
CA SER D 126 15.94 -13.76 -15.26
C SER D 126 16.14 -15.27 -15.13
N LYS D 127 16.15 -15.97 -16.27
CA LYS D 127 16.23 -17.43 -16.29
C LYS D 127 17.47 -17.97 -15.62
N ARG D 128 18.44 -17.11 -15.29
CA ARG D 128 19.69 -17.54 -14.70
C ARG D 128 20.20 -16.53 -13.69
N GLN E 1 -29.86 14.67 23.25
CA GLN E 1 -30.60 15.62 24.06
C GLN E 1 -30.48 15.24 25.53
N LYS E 2 -29.41 15.75 26.14
CA LYS E 2 -29.08 15.58 27.56
C LYS E 2 -29.07 14.13 28.01
N ILE E 3 -29.08 13.18 27.08
CA ILE E 3 -28.75 11.79 27.35
C ILE E 3 -28.55 11.05 26.05
N ARG E 4 -27.50 10.22 25.95
CA ARG E 4 -27.19 9.54 24.71
C ARG E 4 -26.20 8.42 24.97
N ILE E 5 -26.28 7.38 24.14
CA ILE E 5 -25.52 6.15 24.34
C ILE E 5 -24.50 6.03 23.21
N ARG E 6 -23.58 5.07 23.36
CA ARG E 6 -22.66 4.66 22.30
C ARG E 6 -22.30 3.21 22.55
N LEU E 7 -22.35 2.37 21.51
CA LEU E 7 -22.06 0.95 21.67
C LEU E 7 -21.12 0.50 20.56
N LYS E 8 -20.00 -0.11 20.95
CA LYS E 8 -19.03 -0.69 20.03
C LYS E 8 -18.93 -2.17 20.27
N ALA E 9 -18.68 -2.93 19.21
CA ALA E 9 -18.58 -4.38 19.29
C ALA E 9 -17.99 -4.90 17.99
N TYR E 10 -17.60 -6.18 18.02
CA TYR E 10 -17.05 -6.84 16.84
C TYR E 10 -18.08 -7.68 16.09
N GLU E 11 -19.28 -7.84 16.62
CA GLU E 11 -20.33 -8.64 16.01
C GLU E 11 -21.62 -7.84 15.96
N HIS E 12 -22.11 -7.59 14.75
CA HIS E 12 -23.33 -6.81 14.63
C HIS E 12 -24.54 -7.54 15.19
N ARG E 13 -24.49 -8.87 15.29
CA ARG E 13 -25.60 -9.59 15.90
C ARG E 13 -25.79 -9.20 17.35
N ILE E 14 -24.73 -9.36 18.15
CA ILE E 14 -24.77 -8.94 19.54
C ILE E 14 -25.06 -7.45 19.64
N LEU E 15 -24.52 -6.67 18.71
CA LEU E 15 -24.72 -5.23 18.77
C LEU E 15 -26.20 -4.87 18.65
N ASP E 16 -26.86 -5.38 17.59
CA ASP E 16 -28.27 -5.06 17.40
C ASP E 16 -29.12 -5.62 18.53
N GLN E 17 -28.77 -6.81 19.02
CA GLN E 17 -29.49 -7.40 20.13
C GLN E 17 -29.52 -6.47 21.34
N SER E 18 -28.35 -6.01 21.77
CA SER E 18 -28.31 -5.15 22.94
C SER E 18 -28.94 -3.79 22.67
N ALA E 19 -28.82 -3.28 21.44
CA ALA E 19 -29.47 -2.01 21.12
C ALA E 19 -30.98 -2.14 21.24
N ASP E 20 -31.54 -3.25 20.79
CA ASP E 20 -32.97 -3.46 20.95
C ASP E 20 -33.34 -3.61 22.42
N LYS E 21 -32.49 -4.27 23.20
CA LYS E 21 -32.75 -4.35 24.65
C LYS E 21 -32.92 -2.96 25.23
N ILE E 22 -31.96 -2.06 24.98
CA ILE E 22 -32.03 -0.75 25.62
C ILE E 22 -33.19 0.06 25.06
N VAL E 23 -33.45 -0.02 23.75
CA VAL E 23 -34.53 0.76 23.17
C VAL E 23 -35.87 0.31 23.75
N GLU E 24 -36.07 -1.00 23.86
CA GLU E 24 -37.31 -1.53 24.39
C GLU E 24 -37.50 -1.14 25.85
N THR E 25 -36.48 -1.36 26.68
CA THR E 25 -36.63 -0.99 28.09
C THR E 25 -36.58 0.51 28.31
N ALA E 26 -36.33 1.31 27.27
CA ALA E 26 -36.44 2.74 27.42
C ALA E 26 -37.83 3.24 27.06
N LYS E 27 -38.35 2.82 25.90
CA LYS E 27 -39.69 3.23 25.51
C LYS E 27 -40.78 2.50 26.28
N ARG E 28 -40.43 1.51 27.11
CA ARG E 28 -41.43 0.92 27.99
C ARG E 28 -41.84 1.90 29.09
N THR E 29 -40.88 2.66 29.61
CA THR E 29 -41.15 3.60 30.70
C THR E 29 -41.18 5.05 30.25
N GLY E 30 -40.73 5.36 29.04
CA GLY E 30 -40.79 6.74 28.58
C GLY E 30 -41.40 6.92 27.21
N ALA E 31 -40.67 7.58 26.31
CA ALA E 31 -41.10 7.84 24.95
C ALA E 31 -39.96 8.49 24.19
N ASP E 32 -40.10 8.52 22.87
CA ASP E 32 -39.23 9.31 21.98
C ASP E 32 -37.75 8.97 22.20
N VAL E 33 -37.39 7.76 21.78
CA VAL E 33 -36.00 7.34 21.70
C VAL E 33 -35.61 7.32 20.23
N SER E 34 -34.59 8.10 19.88
CA SER E 34 -34.11 8.13 18.51
C SER E 34 -33.51 6.79 18.14
N GLY E 35 -33.79 6.34 16.92
CA GLY E 35 -33.48 5.01 16.50
C GLY E 35 -32.02 4.65 16.65
N PRO E 36 -31.72 3.37 16.64
CA PRO E 36 -30.32 2.96 16.71
C PRO E 36 -29.58 3.26 15.42
N ILE E 37 -29.06 4.47 15.34
CA ILE E 37 -28.41 4.97 14.11
C ILE E 37 -27.09 4.24 13.90
N PRO E 38 -26.83 3.72 12.70
CA PRO E 38 -25.55 3.06 12.42
C PRO E 38 -24.44 4.00 11.98
N LEU E 39 -23.24 3.74 12.48
CA LEU E 39 -22.02 4.48 12.21
C LEU E 39 -21.06 3.66 11.36
N PRO E 40 -20.06 4.31 10.72
CA PRO E 40 -19.43 3.71 9.53
C PRO E 40 -18.44 2.56 9.66
N THR E 41 -18.34 1.85 10.79
CA THR E 41 -17.66 0.53 10.81
C THR E 41 -16.19 0.62 10.41
N GLU E 42 -15.39 1.17 11.32
CA GLU E 42 -13.94 1.20 11.14
C GLU E 42 -13.38 -0.17 10.78
N ARG E 43 -12.26 -0.18 10.06
CA ARG E 43 -11.59 -1.42 9.68
C ARG E 43 -10.08 -1.20 9.64
N SER E 44 -9.32 -2.21 10.05
CA SER E 44 -7.87 -2.22 9.95
C SER E 44 -7.41 -3.41 9.11
N LEU E 45 -6.11 -3.45 8.83
CA LEU E 45 -5.56 -4.42 7.89
C LEU E 45 -4.12 -4.73 8.28
N TYR E 46 -3.79 -6.02 8.40
CA TYR E 46 -2.47 -6.48 8.82
C TYR E 46 -1.94 -7.48 7.81
N THR E 47 -0.83 -7.16 7.17
CA THR E 47 -0.16 -8.07 6.25
C THR E 47 1.09 -8.66 6.91
N VAL E 48 1.27 -9.97 6.76
CA VAL E 48 2.32 -10.70 7.45
C VAL E 48 2.93 -11.72 6.49
N ILE E 49 4.21 -12.02 6.69
CA ILE E 49 4.87 -13.07 5.93
C ILE E 49 4.61 -14.41 6.60
N ARG E 50 4.11 -15.38 5.84
CA ARG E 50 3.69 -16.65 6.43
C ARG E 50 4.74 -17.74 6.32
N ALA E 51 5.97 -17.41 6.67
CA ALA E 51 7.04 -18.40 6.65
C ALA E 51 8.16 -17.88 7.55
N THR E 52 8.82 -18.80 8.23
CA THR E 52 9.71 -18.39 9.30
C THR E 52 11.05 -17.87 8.81
N HIS E 53 11.45 -18.17 7.59
CA HIS E 53 12.83 -17.79 7.27
C HIS E 53 13.00 -17.02 5.98
N LYS E 54 12.25 -17.33 4.94
CA LYS E 54 12.51 -16.76 3.63
C LYS E 54 11.17 -16.52 2.95
N TYR E 55 11.19 -16.41 1.62
CA TYR E 55 9.97 -16.35 0.81
C TYR E 55 9.12 -15.14 1.20
N LYS E 56 9.61 -13.96 0.83
CA LYS E 56 8.84 -12.75 1.05
C LYS E 56 7.63 -12.66 0.13
N ASP E 57 7.66 -13.31 -1.03
CA ASP E 57 6.65 -13.08 -2.04
C ASP E 57 5.39 -13.92 -1.85
N SER E 58 5.11 -14.39 -0.64
CA SER E 58 3.85 -15.05 -0.33
C SER E 58 3.44 -14.67 1.08
N ARG E 59 2.30 -13.99 1.20
CA ARG E 59 1.87 -13.39 2.45
C ARG E 59 0.44 -13.80 2.78
N GLU E 60 0.03 -13.48 4.01
CA GLU E 60 -1.32 -13.75 4.51
C GLU E 60 -1.81 -12.51 5.22
N GLN E 61 -3.04 -12.08 4.92
CA GLN E 61 -3.55 -10.80 5.40
C GLN E 61 -4.69 -10.99 6.39
N PHE E 62 -4.69 -10.17 7.43
CA PHE E 62 -5.70 -10.21 8.48
C PHE E 62 -6.37 -8.86 8.61
N GLU E 63 -7.43 -8.82 9.41
CA GLU E 63 -8.19 -7.59 9.60
C GLU E 63 -8.94 -7.66 10.92
N MET E 64 -9.50 -6.53 11.33
CA MET E 64 -10.30 -6.46 12.55
C MET E 64 -11.31 -5.32 12.38
N ARG E 65 -12.56 -5.67 12.10
CA ARG E 65 -13.60 -4.67 11.99
C ARG E 65 -14.18 -4.34 13.36
N THR E 66 -14.75 -3.14 13.48
CA THR E 66 -15.29 -2.64 14.75
C THR E 66 -16.61 -1.92 14.45
N HIS E 67 -17.72 -2.59 14.70
CA HIS E 67 -19.04 -2.05 14.39
C HIS E 67 -19.48 -1.04 15.43
N LYS E 68 -20.28 -0.06 14.99
CA LYS E 68 -20.66 1.06 15.84
C LYS E 68 -22.15 1.31 15.73
N ARG E 69 -22.71 1.91 16.79
CA ARG E 69 -24.16 2.05 16.91
C ARG E 69 -24.45 3.19 17.87
N LEU E 70 -25.42 4.04 17.53
CA LEU E 70 -25.71 5.25 18.29
C LEU E 70 -27.19 5.34 18.65
N ILE E 71 -27.46 5.77 19.89
CA ILE E 71 -28.82 5.88 20.39
C ILE E 71 -28.92 7.12 21.26
N ASP E 72 -29.87 8.01 20.92
CA ASP E 72 -30.12 9.24 21.67
C ASP E 72 -31.51 9.18 22.29
N ILE E 73 -31.62 9.63 23.53
CA ILE E 73 -32.86 9.58 24.30
C ILE E 73 -33.39 10.99 24.49
N VAL E 74 -34.70 11.16 24.31
CA VAL E 74 -35.32 12.47 24.35
C VAL E 74 -36.36 12.49 25.47
N ASN E 75 -36.25 13.48 26.36
CA ASN E 75 -37.10 13.70 27.52
C ASN E 75 -37.09 12.52 28.48
N PRO E 76 -35.97 12.29 29.20
CA PRO E 76 -35.94 11.23 30.20
C PRO E 76 -36.83 11.54 31.39
N THR E 77 -36.89 10.63 32.35
CA THR E 77 -37.74 10.77 33.53
C THR E 77 -37.05 10.10 34.70
N PRO E 78 -37.34 10.52 35.94
CA PRO E 78 -36.67 9.93 37.11
C PRO E 78 -36.81 8.42 37.24
N LYS E 79 -37.47 7.77 36.29
CA LYS E 79 -37.47 6.31 36.25
C LYS E 79 -36.63 5.75 35.12
N THR E 80 -36.45 6.50 34.03
CA THR E 80 -35.62 6.02 32.93
C THR E 80 -34.15 5.93 33.35
N VAL E 81 -33.67 6.90 34.11
CA VAL E 81 -32.30 6.85 34.62
C VAL E 81 -32.08 5.55 35.39
N ASP E 82 -33.02 5.23 36.28
CA ASP E 82 -32.93 3.99 37.06
C ASP E 82 -32.97 2.78 36.14
N ALA E 83 -34.04 2.67 35.35
CA ALA E 83 -34.26 1.51 34.50
C ALA E 83 -33.24 1.38 33.39
N LEU E 84 -32.34 2.34 33.24
CA LEU E 84 -31.27 2.28 32.26
C LEU E 84 -29.91 1.96 32.85
N MET E 85 -29.52 2.64 33.92
CA MET E 85 -28.16 2.35 34.40
C MET E 85 -28.01 0.98 35.05
N LYS E 86 -29.02 0.11 35.04
CA LYS E 86 -28.97 -1.16 35.73
C LYS E 86 -28.75 -2.36 34.82
N LEU E 87 -29.46 -2.40 33.68
CA LEU E 87 -29.26 -3.46 32.70
C LEU E 87 -27.82 -3.44 32.17
N ASP E 88 -27.22 -4.63 32.05
CA ASP E 88 -25.78 -4.71 31.80
C ASP E 88 -25.35 -5.69 30.71
N LEU E 89 -26.18 -6.69 30.35
CA LEU E 89 -25.74 -7.71 29.41
C LEU E 89 -25.42 -7.11 28.04
N PRO E 90 -24.59 -7.80 27.23
CA PRO E 90 -23.65 -8.90 27.46
C PRO E 90 -22.20 -8.46 27.68
N SER E 91 -21.28 -9.41 27.54
CA SER E 91 -19.90 -9.24 28.03
C SER E 91 -19.06 -8.34 27.13
N GLY E 92 -18.82 -8.77 25.89
CA GLY E 92 -17.82 -8.12 25.07
C GLY E 92 -18.33 -7.00 24.18
N VAL E 93 -19.07 -6.07 24.77
CA VAL E 93 -19.63 -4.94 24.02
C VAL E 93 -19.41 -3.68 24.86
N ASN E 94 -18.93 -2.63 24.21
CA ASN E 94 -18.58 -1.41 24.94
C ASN E 94 -19.79 -0.50 25.08
N ILE E 95 -20.01 0.03 26.27
CA ILE E 95 -21.11 0.95 26.54
C ILE E 95 -20.54 2.19 27.19
N GLU E 96 -20.98 3.36 26.72
CA GLU E 96 -20.44 4.63 27.20
C GLU E 96 -21.57 5.65 27.16
N ILE E 97 -22.12 5.98 28.34
CA ILE E 97 -23.25 6.88 28.45
C ILE E 97 -22.75 8.27 28.79
N LYS E 98 -22.93 9.21 27.89
CA LYS E 98 -22.60 10.60 28.12
C LYS E 98 -23.85 11.45 28.12
N LEU E 99 -23.96 12.32 29.11
CA LEU E 99 -25.09 13.23 29.25
C LEU E 99 -25.19 14.23 28.09
N ALA F 1 33.96 44.55 -20.83
CA ALA F 1 34.21 43.54 -21.84
C ALA F 1 33.98 42.15 -21.25
N ARG F 2 32.75 41.66 -21.33
CA ARG F 2 31.66 42.35 -22.00
C ARG F 2 30.95 43.30 -21.05
N ILE F 3 30.43 42.77 -19.95
CA ILE F 3 29.80 43.60 -18.93
C ILE F 3 30.38 43.21 -17.57
N ALA F 4 31.09 42.08 -17.53
CA ALA F 4 31.75 41.62 -16.31
C ALA F 4 32.68 40.49 -16.66
N GLY F 5 33.89 40.52 -16.09
CA GLY F 5 34.82 39.45 -16.37
C GLY F 5 35.12 39.38 -17.86
N VAL F 6 34.51 38.43 -18.56
CA VAL F 6 34.63 38.40 -20.01
C VAL F 6 33.37 37.80 -20.63
N ASP F 7 32.85 38.50 -21.65
CA ASP F 7 32.07 37.92 -22.75
C ASP F 7 30.72 37.34 -22.32
N ILE F 8 29.85 38.22 -21.85
CA ILE F 8 28.44 37.85 -21.71
C ILE F 8 27.84 37.66 -23.10
N PRO F 9 27.18 36.55 -23.38
CA PRO F 9 26.79 36.23 -24.75
C PRO F 9 25.80 37.24 -25.31
N ARG F 10 25.61 37.15 -26.62
CA ARG F 10 24.67 37.99 -27.36
C ARG F 10 23.36 37.23 -27.58
N ASP F 11 22.40 37.94 -28.17
CA ASP F 11 21.17 37.38 -28.72
C ASP F 11 20.22 36.82 -27.66
N LYS F 12 20.61 36.77 -26.40
CA LYS F 12 19.78 36.25 -25.32
C LYS F 12 19.40 37.37 -24.37
N ARG F 13 18.37 37.13 -23.56
CA ARG F 13 18.00 38.10 -22.53
C ARG F 13 19.07 38.17 -21.45
N VAL F 14 19.04 39.27 -20.70
CA VAL F 14 20.09 39.51 -19.72
C VAL F 14 19.95 38.58 -18.53
N VAL F 15 18.72 38.23 -18.13
CA VAL F 15 18.50 37.39 -16.97
C VAL F 15 19.12 36.00 -17.16
N VAL F 16 19.39 35.61 -18.39
CA VAL F 16 20.01 34.33 -18.68
C VAL F 16 21.47 34.48 -19.07
N SER F 17 21.80 35.50 -19.86
CA SER F 17 23.19 35.67 -20.27
C SER F 17 24.08 36.03 -19.08
N LEU F 18 23.52 36.66 -18.06
CA LEU F 18 24.30 36.95 -16.87
C LEU F 18 24.67 35.71 -16.07
N THR F 19 24.11 34.55 -16.42
CA THR F 19 24.44 33.32 -15.72
C THR F 19 25.85 32.85 -16.05
N TYR F 20 26.36 33.23 -17.21
CA TYR F 20 27.62 32.72 -17.72
C TYR F 20 28.82 33.26 -17.02
N ILE F 21 28.73 33.97 -15.90
CA ILE F 21 29.92 34.38 -15.15
C ILE F 21 29.97 33.58 -13.86
N TYR F 22 31.15 33.05 -13.55
CA TYR F 22 31.33 32.05 -12.50
C TYR F 22 31.01 32.68 -11.16
N GLY F 23 29.83 32.38 -10.63
CA GLY F 23 29.41 32.92 -9.36
C GLY F 23 28.06 33.59 -9.41
N ILE F 24 27.42 33.58 -10.58
CA ILE F 24 26.09 34.14 -10.77
C ILE F 24 25.19 33.03 -11.25
N GLY F 25 24.25 32.62 -10.41
CA GLY F 25 23.36 31.53 -10.76
C GLY F 25 22.12 32.00 -11.46
N ASN F 26 20.97 31.84 -10.82
CA ASN F 26 19.72 32.30 -11.40
C ASN F 26 18.99 33.32 -10.55
N THR F 27 18.94 33.13 -9.24
CA THR F 27 18.31 34.12 -8.38
C THR F 27 19.21 35.33 -8.18
N THR F 28 20.53 35.12 -8.23
CA THR F 28 21.44 36.24 -8.11
C THR F 28 21.32 37.20 -9.28
N ALA F 29 21.13 36.67 -10.50
CA ALA F 29 20.91 37.53 -11.64
C ALA F 29 19.62 38.33 -11.48
N LYS F 30 18.56 37.68 -10.98
CA LYS F 30 17.32 38.39 -10.70
C LYS F 30 17.55 39.54 -9.73
N LYS F 31 18.24 39.27 -8.63
CA LYS F 31 18.41 40.31 -7.62
C LYS F 31 19.28 41.46 -8.14
N VAL F 32 20.31 41.14 -8.90
CA VAL F 32 21.16 42.18 -9.48
C VAL F 32 20.35 43.05 -10.43
N LEU F 33 19.63 42.43 -11.36
CA LEU F 33 18.84 43.19 -12.33
C LEU F 33 17.69 43.93 -11.66
N ALA F 34 17.26 43.52 -10.47
CA ALA F 34 16.18 44.22 -9.80
C ALA F 34 16.66 45.39 -8.96
N ASN F 35 17.86 45.31 -8.38
CA ASN F 35 18.38 46.46 -7.63
C ASN F 35 18.62 47.66 -8.53
N VAL F 36 18.58 47.49 -9.85
CA VAL F 36 18.73 48.60 -10.79
C VAL F 36 17.39 48.96 -11.43
N GLY F 37 16.71 47.99 -12.02
CA GLY F 37 15.46 48.27 -12.69
C GLY F 37 15.50 47.96 -14.16
N VAL F 38 16.27 46.95 -14.53
CA VAL F 38 16.41 46.53 -15.92
C VAL F 38 15.61 45.25 -16.12
N SER F 39 14.80 45.22 -17.18
CA SER F 39 14.04 44.05 -17.58
C SER F 39 14.74 43.36 -18.75
N GLU F 40 14.03 42.43 -19.40
CA GLU F 40 14.63 41.58 -20.43
C GLU F 40 14.42 42.15 -21.82
N ASP F 41 13.16 42.20 -22.26
CA ASP F 41 12.67 43.13 -23.27
C ASP F 41 13.55 43.16 -24.53
N VAL F 42 13.49 42.05 -25.28
CA VAL F 42 12.55 40.95 -25.04
C VAL F 42 13.29 39.62 -24.98
N ARG F 43 13.96 39.28 -26.07
CA ARG F 43 14.87 38.13 -26.14
C ARG F 43 16.17 38.55 -26.78
N VAL F 44 16.71 39.69 -26.35
CA VAL F 44 17.95 40.22 -26.92
C VAL F 44 18.62 41.10 -25.88
N ARG F 45 19.91 41.32 -26.07
CA ARG F 45 20.68 42.31 -25.33
C ARG F 45 20.90 43.49 -26.28
N ASP F 46 20.01 44.47 -26.16
CA ASP F 46 20.11 45.73 -26.85
C ASP F 46 20.12 46.83 -25.80
N LEU F 47 21.03 46.70 -24.84
CA LEU F 47 21.08 47.61 -23.72
C LEU F 47 21.59 48.98 -24.15
N THR F 48 21.81 49.83 -23.16
CA THR F 48 22.49 51.10 -23.31
C THR F 48 23.82 51.06 -22.56
N ASN F 49 24.66 52.05 -22.84
CA ASN F 49 25.92 52.17 -22.09
C ASN F 49 25.69 52.66 -20.67
N GLU F 50 24.49 53.11 -20.35
CA GLU F 50 24.13 53.32 -18.95
C GLU F 50 23.62 52.04 -18.30
N GLN F 51 22.95 51.19 -19.06
CA GLN F 51 22.51 49.91 -18.52
C GLN F 51 23.67 48.94 -18.34
N THR F 52 24.63 48.96 -19.26
CA THR F 52 25.80 48.09 -19.10
C THR F 52 26.63 48.51 -17.90
N ASP F 53 26.87 49.81 -17.74
CA ASP F 53 27.64 50.25 -16.59
C ASP F 53 26.84 50.09 -15.30
N ALA F 54 25.52 50.24 -15.37
CA ALA F 54 24.67 49.93 -14.24
C ALA F 54 24.87 48.49 -13.77
N ILE F 55 24.64 47.53 -14.66
CA ILE F 55 24.78 46.12 -14.28
C ILE F 55 26.23 45.68 -14.17
N ARG F 56 27.18 46.56 -14.48
CA ARG F 56 28.59 46.27 -14.28
C ARG F 56 29.10 46.70 -12.92
N ALA F 57 28.64 47.86 -12.44
CA ALA F 57 29.18 48.35 -11.17
C ALA F 57 28.66 47.53 -10.00
N GLU F 58 27.50 46.89 -10.13
CA GLU F 58 26.94 46.16 -9.00
C GLU F 58 27.54 44.78 -8.84
N ILE F 59 27.95 44.14 -9.94
CA ILE F 59 28.62 42.85 -9.87
C ILE F 59 29.92 42.95 -9.08
N ASP F 60 30.52 44.15 -9.05
CA ASP F 60 31.76 44.35 -8.31
C ASP F 60 31.59 44.10 -6.82
N LYS F 61 30.37 44.16 -6.30
CA LYS F 61 30.12 43.92 -4.89
C LYS F 61 29.98 42.43 -4.55
N LEU F 62 30.21 41.54 -5.50
CA LEU F 62 30.13 40.11 -5.27
C LEU F 62 31.48 39.47 -5.55
N LYS F 63 31.54 38.15 -5.40
CA LYS F 63 32.77 37.38 -5.63
C LYS F 63 32.72 36.61 -6.94
N VAL F 64 32.24 37.23 -8.02
CA VAL F 64 32.02 36.53 -9.29
C VAL F 64 33.25 36.76 -10.16
N GLU F 65 34.28 35.95 -9.98
CA GLU F 65 35.52 36.09 -10.75
C GLU F 65 36.44 34.92 -10.40
N GLY F 66 37.66 34.98 -10.92
CA GLY F 66 38.73 34.13 -10.46
C GLY F 66 39.21 34.48 -9.07
N ASP F 67 38.46 35.32 -8.37
CA ASP F 67 38.60 35.53 -6.94
C ASP F 67 37.82 34.51 -6.13
N LEU F 68 36.90 33.79 -6.77
CA LEU F 68 36.12 32.73 -6.14
C LEU F 68 36.81 31.38 -6.26
N ARG F 69 37.37 31.09 -7.43
CA ARG F 69 38.11 29.85 -7.60
C ARG F 69 39.26 29.76 -6.61
N ARG F 70 39.87 30.90 -6.28
CA ARG F 70 40.92 30.92 -5.26
C ARG F 70 40.37 30.46 -3.93
N GLU F 71 39.22 30.99 -3.54
CA GLU F 71 38.63 30.63 -2.26
C GLU F 71 38.35 29.13 -2.20
N VAL F 72 37.67 28.59 -3.20
CA VAL F 72 37.34 27.16 -3.19
C VAL F 72 38.60 26.31 -3.17
N ASN F 73 39.58 26.68 -3.99
CA ASN F 73 40.83 25.93 -4.07
C ASN F 73 41.54 25.91 -2.73
N LEU F 74 41.71 27.07 -2.11
CA LEU F 74 42.41 27.09 -0.84
C LEU F 74 41.61 26.45 0.27
N ASN F 75 40.28 26.34 0.12
CA ASN F 75 39.50 25.59 1.09
C ASN F 75 39.85 24.11 1.04
N ILE F 76 39.79 23.51 -0.15
CA ILE F 76 40.16 22.09 -0.20
C ILE F 76 41.62 21.91 0.20
N LYS F 77 42.44 22.93 -0.05
CA LYS F 77 43.86 22.86 0.32
C LYS F 77 44.04 22.85 1.82
N ARG F 78 43.28 23.67 2.55
CA ARG F 78 43.32 23.60 4.00
C ARG F 78 42.79 22.29 4.50
N LEU F 79 41.79 21.72 3.83
CA LEU F 79 41.25 20.44 4.23
C LEU F 79 42.31 19.35 4.20
N MET F 80 42.93 19.15 3.04
CA MET F 80 43.84 18.00 2.95
C MET F 80 45.12 18.17 3.71
N GLU F 81 45.41 19.19 4.49
CA GLU F 81 46.73 19.35 5.08
C GLU F 81 46.66 19.53 6.59
N ILE F 82 45.63 19.01 7.23
CA ILE F 82 45.59 19.01 8.69
C ILE F 82 45.50 17.59 9.21
N GLY F 83 44.36 16.92 9.01
CA GLY F 83 44.35 15.50 9.23
C GLY F 83 44.46 14.77 7.92
N SER F 84 43.44 14.87 7.08
CA SER F 84 42.07 15.13 7.53
C SER F 84 41.20 14.15 6.78
N TYR F 85 40.18 13.59 7.42
CA TYR F 85 39.45 12.50 6.79
C TYR F 85 38.82 12.93 5.48
N ARG F 86 38.24 14.14 5.45
CA ARG F 86 37.66 14.61 4.20
C ARG F 86 38.74 14.83 3.14
N GLY F 87 39.87 15.41 3.53
CA GLY F 87 40.94 15.66 2.58
C GLY F 87 41.62 14.39 2.12
N ILE F 88 41.74 13.40 2.99
CA ILE F 88 42.27 12.11 2.59
C ILE F 88 41.45 11.56 1.43
N ARG F 89 40.13 11.71 1.49
CA ARG F 89 39.28 11.24 0.41
C ARG F 89 39.43 12.14 -0.82
N HIS F 90 39.53 13.45 -0.60
CA HIS F 90 39.78 14.38 -1.70
C HIS F 90 41.04 14.01 -2.47
N ARG F 91 41.97 13.32 -1.83
CA ARG F 91 43.23 12.93 -2.45
C ARG F 91 43.20 11.56 -3.09
N ARG F 92 42.05 10.89 -3.11
CA ARG F 92 41.93 9.58 -3.71
C ARG F 92 40.86 9.51 -4.80
N GLY F 93 40.15 10.59 -5.05
CA GLY F 93 39.06 10.52 -6.00
C GLY F 93 37.94 9.63 -5.51
N LEU F 94 37.57 9.77 -4.25
CA LEU F 94 36.55 8.95 -3.63
C LEU F 94 35.51 9.86 -2.99
N PRO F 95 34.25 9.43 -2.96
CA PRO F 95 33.19 10.28 -2.38
C PRO F 95 33.54 10.71 -0.96
N THR F 96 33.37 12.00 -0.71
CA THR F 96 33.81 12.62 0.53
C THR F 96 32.66 12.92 1.47
N ARG F 97 31.51 12.28 1.28
CA ARG F 97 30.35 12.51 2.12
C ARG F 97 29.77 11.24 2.72
N GLY F 98 30.23 10.06 2.31
CA GLY F 98 29.69 8.80 2.76
C GLY F 98 28.74 8.30 1.70
N GLN F 99 29.19 7.42 0.82
CA GLN F 99 28.37 7.08 -0.32
C GLN F 99 28.38 5.60 -0.70
N ASN F 100 28.95 4.72 0.13
CA ASN F 100 28.79 3.28 -0.06
C ASN F 100 29.30 2.87 -1.45
N THR F 101 30.61 2.94 -1.61
CA THR F 101 31.20 2.84 -2.93
C THR F 101 31.05 1.45 -3.54
N LYS F 102 29.95 1.25 -4.27
CA LYS F 102 29.74 0.11 -5.15
C LYS F 102 29.60 0.54 -6.60
N ASN F 103 28.93 1.65 -6.87
CA ASN F 103 28.97 2.27 -8.19
C ASN F 103 29.28 3.75 -8.03
N ASN F 104 28.88 4.30 -6.88
CA ASN F 104 29.00 5.74 -6.70
C ASN F 104 30.45 6.12 -6.56
N ALA F 105 31.19 5.91 -7.62
CA ALA F 105 32.37 6.72 -7.84
C ALA F 105 32.61 6.97 -9.32
N ARG F 106 31.78 6.42 -10.21
CA ARG F 106 31.97 6.66 -11.64
C ARG F 106 32.01 8.15 -11.94
N THR F 107 31.28 8.94 -11.19
CA THR F 107 31.44 10.39 -11.28
C THR F 107 32.72 10.84 -10.61
N ARG F 108 33.01 10.32 -9.42
CA ARG F 108 34.10 10.80 -8.58
C ARG F 108 35.45 10.17 -8.93
N LYS F 109 35.46 9.10 -9.74
CA LYS F 109 36.72 8.48 -10.13
C LYS F 109 36.76 8.06 -11.60
N GLY F 110 35.74 8.38 -12.38
CA GLY F 110 35.77 8.10 -13.81
C GLY F 110 35.69 6.63 -14.17
N ALA G 1 22.94 -16.16 22.80
CA ALA G 1 22.56 -15.58 24.07
C ALA G 1 21.19 -14.94 23.99
N LYS G 2 20.16 -15.61 24.50
CA LYS G 2 18.81 -15.04 24.46
C LYS G 2 18.07 -15.18 25.78
N LYS G 3 18.76 -15.38 26.89
CA LYS G 3 18.14 -15.31 28.21
C LYS G 3 18.65 -14.16 29.03
N SER G 4 19.86 -13.69 28.75
CA SER G 4 20.37 -12.49 29.37
C SER G 4 19.85 -11.25 28.68
N MET G 5 19.50 -11.37 27.41
CA MET G 5 19.07 -10.20 26.65
C MET G 5 17.63 -9.84 26.92
N ILE G 6 16.79 -10.82 27.24
CA ILE G 6 15.45 -10.50 27.71
C ILE G 6 15.52 -9.81 29.06
N ALA G 7 16.41 -10.27 29.93
CA ALA G 7 16.62 -9.59 31.20
C ALA G 7 17.12 -8.16 30.98
N LYS G 8 18.09 -7.98 30.08
CA LYS G 8 18.62 -6.65 29.82
C LYS G 8 17.60 -5.75 29.15
N ASN G 9 16.61 -6.33 28.49
CA ASN G 9 15.57 -5.54 27.85
C ASN G 9 14.58 -4.95 28.86
N LYS G 10 14.34 -5.62 29.98
CA LYS G 10 13.30 -5.20 30.91
C LYS G 10 13.79 -4.21 31.96
N ARG G 11 15.09 -4.18 32.27
CA ARG G 11 15.62 -3.15 33.15
C ARG G 11 15.47 -1.79 32.49
N PRO G 12 15.39 -0.72 33.26
CA PRO G 12 15.27 0.62 32.64
C PRO G 12 16.51 0.96 31.85
N ALA G 13 16.29 1.57 30.68
CA ALA G 13 17.37 1.82 29.74
C ALA G 13 18.26 2.97 30.22
N LYS G 14 19.49 2.98 29.71
CA LYS G 14 20.49 3.97 30.11
C LYS G 14 20.27 5.32 29.46
N HIS G 15 19.53 5.37 28.37
CA HIS G 15 19.23 6.61 27.68
C HIS G 15 17.87 6.48 27.03
N SER G 16 17.26 7.61 26.72
CA SER G 16 15.93 7.61 26.12
C SER G 16 15.90 6.73 24.87
N THR G 17 16.81 6.98 23.94
CA THR G 17 16.83 6.24 22.69
C THR G 17 17.67 4.97 22.81
N GLN G 18 17.42 4.19 23.86
CA GLN G 18 18.04 2.89 23.99
C GLN G 18 17.04 1.79 24.27
N ALA G 19 15.81 2.12 24.63
CA ALA G 19 14.76 1.13 24.76
C ALA G 19 14.32 0.64 23.38
N TYR G 20 13.90 -0.61 23.33
CA TYR G 20 13.44 -1.22 22.10
C TYR G 20 12.49 -2.34 22.46
N THR G 21 11.57 -2.64 21.55
CA THR G 21 10.56 -3.64 21.83
C THR G 21 11.06 -5.04 21.50
N ARG G 22 10.45 -6.03 22.15
CA ARG G 22 10.64 -7.44 21.86
C ARG G 22 9.28 -8.12 21.90
N CYS G 23 9.23 -9.34 21.38
CA CYS G 23 8.02 -10.12 21.57
C CYS G 23 7.90 -10.53 23.04
N GLU G 24 6.70 -10.93 23.43
CA GLU G 24 6.46 -11.30 24.81
C GLU G 24 6.42 -12.79 25.04
N ARG G 25 5.90 -13.57 24.09
CA ARG G 25 6.05 -15.01 24.17
C ARG G 25 7.50 -15.42 23.97
N CYS G 26 8.02 -15.16 22.77
CA CYS G 26 9.44 -15.34 22.47
C CYS G 26 10.18 -14.04 22.79
N GLY G 27 11.39 -13.92 22.31
CA GLY G 27 12.13 -12.69 22.51
C GLY G 27 12.56 -12.11 21.18
N ARG G 28 11.79 -12.38 20.15
CA ARG G 28 12.15 -11.92 18.81
C ARG G 28 12.20 -10.41 18.79
N PRO G 29 13.27 -9.80 18.27
CA PRO G 29 13.36 -8.34 18.27
C PRO G 29 12.95 -7.71 16.94
N HIS G 30 12.73 -8.51 15.91
CA HIS G 30 12.38 -8.02 14.59
C HIS G 30 10.89 -8.17 14.34
N SER G 31 10.29 -7.12 13.78
CA SER G 31 8.92 -7.15 13.28
C SER G 31 7.93 -7.54 14.38
N VAL G 32 7.79 -6.66 15.35
CA VAL G 32 6.79 -6.82 16.41
C VAL G 32 5.73 -5.74 16.22
N TYR G 33 4.47 -6.13 16.40
CA TYR G 33 3.35 -5.20 16.36
C TYR G 33 3.13 -4.65 17.77
N ARG G 34 3.06 -3.33 17.89
CA ARG G 34 2.98 -2.69 19.20
C ARG G 34 1.55 -2.32 19.58
N LYS G 35 0.56 -2.91 18.92
CA LYS G 35 -0.77 -2.94 19.50
C LYS G 35 -1.00 -4.23 20.27
N PHE G 36 -0.36 -5.32 19.84
CA PHE G 36 -0.47 -6.62 20.47
C PHE G 36 0.75 -7.00 21.30
N HIS G 37 1.92 -6.44 20.99
CA HIS G 37 3.17 -6.87 21.58
C HIS G 37 3.47 -8.33 21.22
N LEU G 38 3.26 -8.66 19.95
CA LEU G 38 3.52 -9.99 19.42
C LEU G 38 4.28 -9.87 18.11
N CYS G 39 5.14 -10.84 17.84
CA CYS G 39 6.03 -10.75 16.68
C CYS G 39 5.31 -11.25 15.43
N ARG G 40 6.08 -11.38 14.36
CA ARG G 40 5.50 -11.67 13.04
C ARG G 40 4.76 -13.00 13.04
N ILE G 41 5.31 -14.01 13.71
CA ILE G 41 4.80 -15.37 13.56
C ILE G 41 4.45 -15.99 14.90
N CYS G 42 4.05 -15.17 15.86
CA CYS G 42 3.13 -15.59 16.90
C CYS G 42 1.74 -15.04 16.65
N PHE G 43 1.66 -13.92 15.93
CA PHE G 43 0.40 -13.37 15.49
C PHE G 43 -0.34 -14.37 14.61
N ARG G 44 0.33 -14.90 13.58
CA ARG G 44 -0.29 -15.87 12.68
C ARG G 44 -0.64 -17.16 13.38
N GLU G 45 -0.09 -17.40 14.56
CA GLU G 45 -0.30 -18.63 15.28
C GLU G 45 -1.44 -18.53 16.29
N LEU G 46 -1.58 -17.38 16.94
CA LEU G 46 -2.69 -17.15 17.86
C LEU G 46 -3.91 -16.55 17.18
N ALA G 47 -3.80 -16.12 15.93
CA ALA G 47 -5.00 -15.73 15.19
C ALA G 47 -5.85 -16.95 14.89
N TYR G 48 -5.25 -17.98 14.30
CA TYR G 48 -5.82 -19.31 14.45
C TYR G 48 -5.89 -19.62 15.94
N LYS G 49 -6.80 -20.52 16.31
CA LYS G 49 -7.23 -20.81 17.67
C LYS G 49 -8.20 -19.76 18.18
N GLY G 50 -8.42 -18.67 17.45
CA GLY G 50 -9.31 -17.62 17.87
C GLY G 50 -9.09 -17.17 19.29
N GLN G 51 -7.86 -16.76 19.62
CA GLN G 51 -7.57 -16.24 20.95
C GLN G 51 -7.49 -14.72 20.96
N ILE G 52 -6.77 -14.12 20.01
CA ILE G 52 -6.79 -12.68 19.83
C ILE G 52 -8.21 -12.28 19.46
N PRO G 53 -8.89 -11.45 20.25
CA PRO G 53 -10.24 -11.04 19.89
C PRO G 53 -10.21 -9.95 18.83
N GLY G 54 -11.19 -10.00 17.92
CA GLY G 54 -11.07 -9.16 16.74
C GLY G 54 -10.56 -9.89 15.51
N VAL G 55 -9.24 -9.93 15.37
CA VAL G 55 -8.51 -10.37 14.19
C VAL G 55 -9.09 -11.62 13.53
N LYS G 56 -9.18 -11.60 12.20
CA LYS G 56 -9.55 -12.76 11.41
C LYS G 56 -8.98 -12.58 10.00
N LYS G 57 -9.15 -13.61 9.18
CA LYS G 57 -8.59 -13.58 7.83
C LYS G 57 -9.40 -12.64 6.93
N ALA G 58 -8.69 -11.86 6.12
CA ALA G 58 -9.30 -10.84 5.29
C ALA G 58 -9.29 -11.24 3.82
N SER G 59 -10.39 -10.96 3.13
CA SER G 59 -10.45 -11.14 1.70
C SER G 59 -11.52 -10.21 1.14
N TRP G 60 -11.22 -9.59 0.01
CA TRP G 60 -12.15 -8.67 -0.64
C TRP G 60 -11.79 -8.49 -2.12
N SER H 1 25.16 20.10 14.21
CA SER H 1 24.49 21.38 14.22
C SER H 1 23.90 21.67 15.59
N LEU H 2 24.77 21.96 16.54
CA LEU H 2 24.40 22.12 17.94
C LEU H 2 24.49 23.59 18.31
N LYS H 3 23.85 24.44 17.49
CA LYS H 3 23.75 25.89 17.67
C LYS H 3 23.27 26.30 19.05
N LYS H 4 22.86 25.31 19.85
CA LYS H 4 22.65 25.49 21.28
C LYS H 4 23.89 25.11 22.06
N GLY H 5 24.99 25.74 21.69
CA GLY H 5 26.27 25.47 22.32
C GLY H 5 26.87 24.20 21.75
N PRO H 6 28.13 24.26 21.34
CA PRO H 6 28.80 23.06 20.87
C PRO H 6 29.00 22.07 22.01
N PHE H 7 29.53 20.90 21.67
CA PHE H 7 29.50 19.76 22.56
C PHE H 7 30.91 19.32 22.94
N VAL H 8 31.26 19.46 24.21
CA VAL H 8 32.39 18.73 24.76
C VAL H 8 31.86 17.75 25.78
N ASP H 9 32.76 16.91 26.29
CA ASP H 9 32.46 16.04 27.40
C ASP H 9 33.08 16.60 28.66
N ASP H 10 32.47 16.27 29.80
CA ASP H 10 32.94 16.84 31.05
C ASP H 10 34.34 16.35 31.39
N HIS H 11 34.59 15.04 31.25
CA HIS H 11 35.91 14.53 31.56
C HIS H 11 36.98 15.23 30.73
N LEU H 12 36.73 15.35 29.43
CA LEU H 12 37.71 16.00 28.55
C LEU H 12 37.92 17.45 28.93
N MET H 13 36.83 18.19 29.13
CA MET H 13 36.96 19.58 29.49
C MET H 13 37.57 19.75 30.88
N LYS H 14 37.25 18.84 31.81
CA LYS H 14 37.88 18.88 33.12
C LYS H 14 39.39 18.78 33.00
N LYS H 15 39.86 17.79 32.22
CA LYS H 15 41.30 17.60 32.09
C LYS H 15 41.96 18.81 31.46
N VAL H 16 41.34 19.38 30.42
CA VAL H 16 41.98 20.49 29.75
C VAL H 16 42.00 21.72 30.64
N GLU H 17 40.92 21.97 31.39
CA GLU H 17 40.94 23.06 32.35
C GLU H 17 42.01 22.86 33.40
N ALA H 18 42.24 21.60 33.80
CA ALA H 18 43.23 21.35 34.85
C ALA H 18 44.64 21.61 34.37
N GLN H 19 44.91 21.36 33.08
CA GLN H 19 46.25 21.66 32.57
C GLN H 19 46.39 23.08 32.02
N GLN H 20 45.30 23.85 31.96
CA GLN H 20 45.34 25.19 31.37
C GLN H 20 46.41 26.09 31.95
N GLY H 21 46.96 25.77 33.12
CA GLY H 21 47.94 26.63 33.75
C GLY H 21 49.29 26.72 33.04
N ALA H 22 50.05 25.63 33.04
CA ALA H 22 51.43 25.62 32.59
C ALA H 22 51.55 24.95 31.22
N GLU H 23 52.81 24.68 30.83
CA GLU H 23 53.09 23.89 29.63
C GLU H 23 52.61 22.44 29.81
N LYS H 24 52.14 21.84 28.72
CA LYS H 24 51.19 20.74 28.76
C LYS H 24 51.85 19.37 28.54
N LYS H 25 51.06 18.33 28.80
CA LYS H 25 51.46 16.93 28.71
C LYS H 25 50.74 16.23 27.56
N LYS H 26 51.40 15.22 27.00
CA LYS H 26 50.81 14.41 25.93
C LYS H 26 49.81 13.41 26.46
N VAL H 27 49.76 13.20 27.77
CA VAL H 27 48.87 12.21 28.36
C VAL H 27 47.55 12.92 28.62
N ILE H 28 46.77 13.06 27.56
CA ILE H 28 45.33 13.25 27.66
C ILE H 28 44.74 12.16 26.79
N LYS H 29 44.43 11.03 27.40
CA LYS H 29 44.04 9.82 26.69
C LYS H 29 42.57 9.59 26.95
N THR H 30 41.74 9.93 25.98
CA THR H 30 40.30 9.77 26.13
C THR H 30 39.73 9.05 24.92
N TRP H 31 38.58 8.43 25.11
CA TRP H 31 37.96 7.72 24.00
C TRP H 31 37.21 8.71 23.11
N SER H 32 36.08 9.23 23.62
CA SER H 32 35.52 10.55 23.33
C SER H 32 35.82 11.12 21.95
N ARG H 33 35.37 10.45 20.88
CA ARG H 33 35.58 10.96 19.54
C ARG H 33 34.45 11.83 19.05
N ARG H 34 33.46 12.10 19.89
CA ARG H 34 32.32 12.94 19.53
C ARG H 34 32.56 14.41 19.82
N SER H 35 33.60 14.74 20.57
CA SER H 35 33.81 16.11 21.03
C SER H 35 34.40 16.97 19.92
N THR H 36 34.00 18.24 19.90
CA THR H 36 34.58 19.20 18.98
C THR H 36 35.80 19.88 19.60
N ILE H 37 36.57 20.56 18.76
CA ILE H 37 37.87 21.11 19.14
C ILE H 37 37.66 22.56 19.55
N PHE H 38 37.36 22.78 20.82
CA PHE H 38 37.22 24.13 21.32
C PHE H 38 38.53 24.90 21.13
N PRO H 39 38.47 26.23 21.10
CA PRO H 39 39.69 27.00 20.81
C PRO H 39 40.70 27.03 21.95
N SER H 40 40.49 26.22 22.98
CA SER H 40 41.45 26.10 24.07
C SER H 40 42.30 24.83 23.98
N PHE H 41 41.91 23.88 23.12
CA PHE H 41 42.63 22.64 22.92
C PHE H 41 43.95 22.83 22.18
N VAL H 42 44.36 24.06 21.88
CA VAL H 42 45.51 24.27 21.01
C VAL H 42 46.79 23.97 21.77
N GLY H 43 47.78 23.41 21.05
CA GLY H 43 49.07 23.14 21.62
C GLY H 43 49.19 21.85 22.38
N PHE H 44 48.09 21.26 22.82
CA PHE H 44 48.12 20.00 23.54
C PHE H 44 48.36 18.86 22.55
N THR H 45 48.25 17.62 23.03
CA THR H 45 48.33 16.43 22.19
C THR H 45 47.35 15.41 22.74
N ILE H 46 46.20 15.28 22.09
CA ILE H 46 45.13 14.39 22.57
C ILE H 46 45.34 13.02 21.97
N ALA H 47 45.06 11.99 22.74
CA ALA H 47 45.11 10.61 22.28
C ALA H 47 43.68 10.13 22.01
N VAL H 48 43.41 9.76 20.77
CA VAL H 48 42.06 9.42 20.35
C VAL H 48 41.99 7.93 20.01
N TYR H 49 41.20 7.20 20.77
CA TYR H 49 41.01 5.77 20.56
C TYR H 49 40.21 5.54 19.28
N ASP H 50 40.74 4.73 18.38
CA ASP H 50 40.11 4.46 17.09
C ASP H 50 39.47 3.09 17.01
N GLY H 51 39.08 2.52 18.14
CA GLY H 51 38.53 1.19 18.17
C GLY H 51 39.55 0.10 18.46
N ARG H 52 40.84 0.37 18.27
CA ARG H 52 41.92 -0.56 18.49
C ARG H 52 43.08 0.00 19.31
N LYS H 53 43.48 1.25 19.08
CA LYS H 53 44.65 1.85 19.73
C LYS H 53 44.35 3.30 20.07
N HIS H 54 45.32 3.97 20.68
CA HIS H 54 45.20 5.38 21.05
C HIS H 54 46.14 6.20 20.18
N VAL H 55 45.60 6.81 19.14
CA VAL H 55 46.41 7.60 18.21
C VAL H 55 46.60 8.99 18.79
N PRO H 56 47.81 9.53 18.82
CA PRO H 56 48.00 10.93 19.22
C PRO H 56 47.80 11.88 18.06
N VAL H 57 47.21 13.03 18.36
CA VAL H 57 46.99 14.06 17.35
C VAL H 57 47.34 15.40 17.96
N TYR H 58 48.19 16.15 17.27
CA TYR H 58 48.64 17.46 17.72
C TYR H 58 47.70 18.52 17.18
N ILE H 59 47.20 19.36 18.08
CA ILE H 59 46.14 20.30 17.75
C ILE H 59 46.77 21.61 17.32
N GLN H 60 46.80 21.84 16.01
CA GLN H 60 47.15 23.14 15.46
C GLN H 60 45.94 24.06 15.58
N GLU H 61 45.96 25.18 14.87
CA GLU H 61 44.86 26.16 14.92
C GLU H 61 43.83 25.98 13.82
N ASP H 62 44.25 25.60 12.62
CA ASP H 62 43.30 25.41 11.53
C ASP H 62 42.25 24.37 11.86
N MET H 63 42.58 23.41 12.70
CA MET H 63 41.63 22.45 13.23
C MET H 63 41.05 23.02 14.52
N VAL H 64 39.92 23.74 14.40
CA VAL H 64 39.30 24.40 15.54
C VAL H 64 37.79 24.29 15.54
N GLY H 65 37.18 23.69 14.53
CA GLY H 65 35.75 23.50 14.57
C GLY H 65 35.37 22.05 14.36
N HIS H 66 36.33 21.26 13.91
CA HIS H 66 36.10 19.86 13.58
C HIS H 66 35.98 19.05 14.86
N LYS H 67 35.87 17.74 14.70
CA LYS H 67 35.71 16.81 15.79
C LYS H 67 37.02 16.07 16.04
N LEU H 68 37.12 15.44 17.21
CA LEU H 68 38.31 14.68 17.52
C LEU H 68 38.38 13.37 16.75
N GLY H 69 37.28 12.89 16.22
CA GLY H 69 37.36 11.68 15.43
C GLY H 69 37.82 11.86 14.01
N GLU H 70 37.85 13.09 13.51
CA GLU H 70 38.26 13.32 12.13
C GLU H 70 39.76 13.16 11.93
N PHE H 71 40.53 12.87 12.98
CA PHE H 71 41.98 12.84 12.91
C PHE H 71 42.53 11.51 13.40
N ALA H 72 41.72 10.47 13.34
CA ALA H 72 42.09 9.12 13.73
C ALA H 72 41.19 8.13 13.00
N PRO H 73 41.55 7.72 11.80
CA PRO H 73 40.66 6.88 11.01
C PRO H 73 40.60 5.46 11.55
N THR H 74 39.65 4.69 11.03
CA THR H 74 39.36 3.40 11.61
C THR H 74 39.44 2.22 10.65
N ARG H 75 39.63 2.45 9.36
CA ARG H 75 39.38 1.39 8.39
C ARG H 75 40.63 0.62 7.93
N THR H 76 41.78 1.28 7.75
CA THR H 76 43.01 0.61 7.34
C THR H 76 42.88 -0.02 5.95
N TYR H 77 42.89 0.83 4.95
CA TYR H 77 42.94 0.39 3.56
C TYR H 77 44.35 0.56 3.00
N ARG H 78 44.88 -0.51 2.41
CA ARG H 78 46.22 -0.54 1.81
C ARG H 78 47.28 0.11 2.69
ZN ZN I . 6.64 -14.15 19.10
#